data_2NUB
#
_entry.id   2NUB
#
_cell.length_a   125.000
_cell.length_b   125.000
_cell.length_c   253.500
_cell.angle_alpha   90.00
_cell.angle_beta   90.00
_cell.angle_gamma   90.00
#
_symmetry.space_group_name_H-M   'I 4 2 2'
#
loop_
_entity.id
_entity.type
_entity.pdbx_description
1 polymer Argonaute
2 water water
#
_entity_poly.entity_id   1
_entity_poly.type   'polypeptide(L)'
_entity_poly.pdbx_seq_one_letter_code
;MGKEALLNLYRIEYRPKDTTFTVFKPTHEIQKEKLNKVRWRVFLQTGLPTFRREDEFWCAGKVEKDTLYLTLSNGEIVEL
KRVGEEEFRGFQNERECQELFRDFLTKTKVKDKFISDFYKKFRDKITVQGKNRKIALIPEVNEKVLKSEEGYFLLHLDLK
FRIQPFETLQTLLERNDFNPKRIRVKPIGIDFVGRVQDVFKAKEKGEEFFRLCMERSTHKSSKKAWEELLKNRELREKAF
LVVLEKGYTYPATILKPVLTYENLEDEERNEVADIVRMEPGKRLNLIRYILRRYVKALRDYGWYISPEEERAKGKLNFKD
TVLDAKGKNTKVITNLRKFLELCRPFVKKDVLSVEIISVSVYKKLEWRKEEFLKELINFLKNKGIKLKIKGKSLILAQTR
EEAKEKLIPVINKIKDVDLVIVFLEEYPKVDPYKSFLLYDFVKRELLKKMIPSQVILNRTLKNENLKFVLLNVAEQVLAK
TGNIPYKLKEIEGKVDAFVGIDISRITRDGKTVNAVAFTKIFNSKGELVRYYLTSYPAFGEKLTEKAIGDVFSLLEKLGF
KKGSKIVVHRDGRLYRDEVAAFKKYGELYGYSLELLEIIKRNNPRFFSNEKFIKGYFYKLSEDSVILATYNQVYEGTHQP
IKVRKVYGELPVEVLCSQILSLTLMNYSSFQPIKLPATVHYSDKITKLMLRGIEPIKKEGDIMYWL
;
_entity_poly.pdbx_strand_id   A
#
# COMPACT_ATOMS: atom_id res chain seq x y z
N MET A 1 28.80 2.87 4.65
CA MET A 1 27.65 1.94 4.48
C MET A 1 27.61 0.93 5.63
N GLY A 2 27.33 -0.33 5.30
CA GLY A 2 27.25 -1.40 6.29
C GLY A 2 27.65 -2.70 5.61
N LYS A 3 26.86 -3.75 5.81
CA LYS A 3 27.16 -5.05 5.20
C LYS A 3 26.20 -5.39 4.06
N GLU A 4 26.77 -5.79 2.93
CA GLU A 4 26.02 -6.17 1.73
C GLU A 4 24.55 -6.60 1.90
N ALA A 5 23.69 -6.14 0.99
CA ALA A 5 22.26 -6.48 0.96
C ALA A 5 21.85 -6.80 -0.48
N LEU A 6 20.97 -7.78 -0.68
CA LEU A 6 20.55 -8.17 -2.03
C LEU A 6 19.13 -7.81 -2.43
N LEU A 7 18.93 -7.63 -3.73
CA LEU A 7 17.62 -7.31 -4.31
C LEU A 7 17.22 -8.34 -5.36
N ASN A 8 15.97 -8.78 -5.33
CA ASN A 8 15.54 -9.75 -6.32
C ASN A 8 15.35 -9.07 -7.66
N LEU A 9 16.46 -8.58 -8.19
CA LEU A 9 16.46 -7.95 -9.48
C LEU A 9 17.64 -8.56 -10.20
N TYR A 10 17.44 -8.95 -11.46
CA TYR A 10 18.51 -9.56 -12.25
C TYR A 10 18.63 -8.92 -13.63
N ARG A 11 19.83 -8.48 -13.97
CA ARG A 11 20.07 -7.88 -15.26
C ARG A 11 19.56 -8.84 -16.35
N ILE A 12 18.81 -8.31 -17.31
CA ILE A 12 18.27 -9.12 -18.38
C ILE A 12 18.71 -8.48 -19.69
N GLU A 13 18.84 -9.29 -20.74
CA GLU A 13 19.27 -8.81 -22.05
C GLU A 13 18.75 -9.68 -23.17
N TYR A 14 18.51 -9.04 -24.32
CA TYR A 14 18.01 -9.74 -25.50
C TYR A 14 18.85 -9.36 -26.69
N ARG A 15 19.87 -10.17 -26.96
CA ARG A 15 20.71 -9.95 -28.11
C ARG A 15 20.60 -11.25 -28.89
N PRO A 16 19.61 -11.33 -29.78
CA PRO A 16 19.40 -12.52 -30.59
C PRO A 16 20.34 -12.50 -31.78
N LYS A 17 20.56 -13.67 -32.39
CA LYS A 17 21.42 -13.76 -33.55
C LYS A 17 20.64 -13.17 -34.70
N ASP A 18 19.44 -13.74 -34.94
CA ASP A 18 18.55 -13.32 -36.02
C ASP A 18 17.76 -12.05 -35.67
N THR A 19 18.45 -10.91 -35.80
CA THR A 19 17.91 -9.57 -35.49
C THR A 19 16.75 -9.09 -36.32
N THR A 20 16.22 -9.94 -37.19
CA THR A 20 15.10 -9.56 -38.06
C THR A 20 13.73 -9.62 -37.40
N PHE A 21 13.05 -8.49 -37.43
CA PHE A 21 11.70 -8.35 -36.87
C PHE A 21 10.85 -7.80 -38.01
N THR A 22 9.54 -8.02 -37.95
CA THR A 22 8.64 -7.51 -38.99
C THR A 22 7.81 -6.43 -38.29
N VAL A 23 7.84 -5.21 -38.80
CA VAL A 23 7.09 -4.11 -38.18
C VAL A 23 5.79 -3.83 -38.97
N PHE A 24 4.74 -3.40 -38.28
CA PHE A 24 3.45 -3.10 -38.92
C PHE A 24 2.84 -1.77 -38.47
N LYS A 25 2.83 -0.76 -39.33
CA LYS A 25 2.22 0.50 -38.89
C LYS A 25 0.72 0.40 -39.13
N PRO A 26 -0.07 1.11 -38.35
CA PRO A 26 -1.53 1.08 -38.52
C PRO A 26 -1.97 1.85 -39.77
N THR A 27 -3.27 1.86 -40.05
CA THR A 27 -3.78 2.60 -41.19
C THR A 27 -4.31 3.92 -40.65
N HIS A 28 -4.94 3.87 -39.49
CA HIS A 28 -5.45 5.07 -38.87
C HIS A 28 -4.53 5.49 -37.72
N GLU A 29 -5.10 6.07 -36.66
CA GLU A 29 -4.33 6.54 -35.50
C GLU A 29 -4.43 5.69 -34.23
N ILE A 30 -3.32 5.68 -33.50
CA ILE A 30 -3.17 4.91 -32.26
C ILE A 30 -4.08 5.26 -31.09
N GLN A 31 -5.17 4.52 -30.95
CA GLN A 31 -6.14 4.71 -29.88
C GLN A 31 -5.51 4.46 -28.51
N LYS A 32 -4.18 4.37 -28.50
CA LYS A 32 -3.38 4.15 -27.29
C LYS A 32 -3.90 3.11 -26.31
N GLU A 33 -5.03 3.37 -25.66
CA GLU A 33 -5.56 2.42 -24.71
C GLU A 33 -5.77 1.07 -25.41
N LYS A 34 -6.13 1.13 -26.68
CA LYS A 34 -6.37 -0.07 -27.48
C LYS A 34 -5.05 -0.65 -27.98
N LEU A 35 -4.05 0.21 -28.17
CA LEU A 35 -2.75 -0.21 -28.64
C LEU A 35 -2.23 -1.45 -27.94
N ASN A 36 -2.24 -1.40 -26.61
CA ASN A 36 -1.75 -2.53 -25.85
C ASN A 36 -2.72 -3.70 -25.87
N LYS A 37 -3.76 -3.56 -26.68
CA LYS A 37 -4.73 -4.62 -26.89
C LYS A 37 -4.32 -5.13 -28.24
N VAL A 38 -4.28 -4.20 -29.19
CA VAL A 38 -3.89 -4.50 -30.55
C VAL A 38 -2.59 -5.29 -30.63
N ARG A 39 -1.68 -5.05 -29.69
CA ARG A 39 -0.40 -5.77 -29.65
C ARG A 39 -0.68 -7.22 -29.25
N TRP A 40 -1.53 -7.39 -28.25
CA TRP A 40 -1.85 -8.72 -27.80
C TRP A 40 -2.45 -9.55 -28.93
N ARG A 41 -3.37 -8.97 -29.69
CA ARG A 41 -4.01 -9.68 -30.78
C ARG A 41 -3.03 -9.97 -31.90
N VAL A 42 -2.06 -9.07 -32.07
CA VAL A 42 -1.04 -9.26 -33.06
C VAL A 42 -0.27 -10.49 -32.66
N PHE A 43 0.01 -10.60 -31.37
CA PHE A 43 0.74 -11.76 -30.89
C PHE A 43 0.01 -12.99 -31.34
N LEU A 44 -1.20 -13.19 -30.84
CA LEU A 44 -1.99 -14.37 -31.21
C LEU A 44 -2.06 -14.64 -32.70
N GLN A 45 -2.65 -13.71 -33.46
CA GLN A 45 -2.77 -13.90 -34.89
C GLN A 45 -1.43 -14.22 -35.54
N THR A 46 -0.39 -13.54 -35.09
CA THR A 46 0.95 -13.73 -35.63
C THR A 46 1.72 -14.90 -35.05
N GLY A 47 1.37 -15.31 -33.84
CA GLY A 47 2.08 -16.40 -33.19
C GLY A 47 3.52 -16.03 -32.90
N LEU A 48 3.82 -14.74 -32.96
CA LEU A 48 5.17 -14.28 -32.70
C LEU A 48 5.19 -13.29 -31.56
N PRO A 49 6.20 -13.38 -30.67
CA PRO A 49 6.23 -12.42 -29.58
C PRO A 49 6.20 -11.08 -30.27
N THR A 50 5.68 -10.07 -29.61
CA THR A 50 5.59 -8.76 -30.22
C THR A 50 5.75 -7.69 -29.17
N PHE A 51 6.20 -6.53 -29.59
CA PHE A 51 6.31 -5.41 -28.67
C PHE A 51 6.00 -4.17 -29.46
N ARG A 52 5.49 -3.15 -28.79
CA ARG A 52 5.12 -1.93 -29.48
C ARG A 52 6.09 -0.78 -29.26
N ARG A 53 6.29 0.00 -30.31
CA ARG A 53 7.12 1.17 -30.22
C ARG A 53 6.06 2.29 -30.29
N GLU A 54 6.29 3.38 -31.01
CA GLU A 54 5.26 4.41 -31.02
C GLU A 54 3.98 3.88 -31.66
N ASP A 55 4.04 3.59 -32.95
CA ASP A 55 2.90 3.06 -33.70
C ASP A 55 3.33 1.70 -34.22
N GLU A 56 4.60 1.60 -34.55
CA GLU A 56 5.16 0.37 -35.07
C GLU A 56 4.92 -0.79 -34.09
N PHE A 57 4.78 -2.00 -34.64
CA PHE A 57 4.59 -3.22 -33.86
C PHE A 57 5.63 -4.18 -34.39
N TRP A 58 6.61 -4.52 -33.57
CA TRP A 58 7.67 -5.41 -34.01
C TRP A 58 7.43 -6.84 -33.58
N CYS A 59 7.57 -7.74 -34.54
CA CYS A 59 7.37 -9.16 -34.30
C CYS A 59 8.69 -9.90 -34.35
N ALA A 60 9.00 -10.61 -33.27
CA ALA A 60 10.23 -11.38 -33.18
C ALA A 60 10.18 -12.52 -34.18
N GLY A 61 10.18 -12.16 -35.46
CA GLY A 61 10.13 -13.17 -36.50
C GLY A 61 9.74 -12.63 -37.86
N LYS A 62 9.68 -13.55 -38.82
CA LYS A 62 9.31 -13.23 -40.19
C LYS A 62 7.83 -13.55 -40.41
N VAL A 63 7.11 -12.53 -40.86
CA VAL A 63 5.69 -12.67 -41.15
C VAL A 63 5.52 -12.12 -42.54
N GLU A 64 4.83 -12.87 -43.39
CA GLU A 64 4.56 -12.43 -44.75
C GLU A 64 3.05 -12.30 -44.93
N LYS A 65 2.61 -11.05 -45.08
CA LYS A 65 1.22 -10.69 -45.25
C LYS A 65 1.27 -9.18 -45.31
N ASP A 66 1.27 -8.61 -46.51
CA ASP A 66 1.38 -7.16 -46.63
C ASP A 66 0.20 -6.41 -45.98
N THR A 67 -0.36 -7.04 -44.94
CA THR A 67 -1.46 -6.49 -44.13
C THR A 67 -2.18 -7.53 -43.26
N LEU A 68 -2.41 -7.17 -42.00
CA LEU A 68 -3.07 -8.03 -41.04
C LEU A 68 -4.37 -7.40 -40.58
N TYR A 69 -5.41 -8.22 -40.45
CA TYR A 69 -6.71 -7.73 -40.00
C TYR A 69 -7.08 -8.33 -38.68
N LEU A 70 -6.60 -7.74 -37.58
CA LEU A 70 -6.97 -8.27 -36.27
C LEU A 70 -8.30 -7.69 -35.82
N THR A 71 -9.09 -8.53 -35.16
CA THR A 71 -10.40 -8.14 -34.67
C THR A 71 -10.35 -7.96 -33.17
N LEU A 72 -10.42 -6.70 -32.71
CA LEU A 72 -10.37 -6.43 -31.28
C LEU A 72 -11.55 -7.05 -30.56
N SER A 73 -11.75 -6.61 -29.33
CA SER A 73 -12.84 -7.12 -28.49
C SER A 73 -14.17 -6.48 -28.86
N ASN A 74 -14.16 -5.15 -28.98
CA ASN A 74 -15.33 -4.37 -29.36
C ASN A 74 -15.86 -4.92 -30.68
N GLY A 75 -15.10 -5.86 -31.25
CA GLY A 75 -15.47 -6.45 -32.52
C GLY A 75 -14.83 -5.59 -33.58
N GLU A 76 -14.31 -4.43 -33.13
CA GLU A 76 -13.65 -3.43 -33.98
C GLU A 76 -12.54 -4.03 -34.83
N ILE A 77 -12.53 -3.69 -36.12
CA ILE A 77 -11.53 -4.20 -37.03
C ILE A 77 -10.41 -3.21 -37.27
N VAL A 78 -9.21 -3.55 -36.83
CA VAL A 78 -8.07 -2.67 -37.06
C VAL A 78 -7.18 -3.28 -38.12
N GLU A 79 -6.73 -2.45 -39.05
CA GLU A 79 -5.88 -2.93 -40.15
C GLU A 79 -4.42 -2.52 -39.97
N LEU A 80 -3.51 -3.49 -39.86
CA LEU A 80 -2.09 -3.16 -39.69
C LEU A 80 -1.39 -3.36 -41.01
N LYS A 81 -0.67 -2.35 -41.46
CA LYS A 81 0.02 -2.43 -42.73
C LYS A 81 1.48 -2.81 -42.52
N ARG A 82 1.82 -4.03 -42.90
CA ARG A 82 3.19 -4.53 -42.78
C ARG A 82 4.19 -3.71 -43.59
N VAL A 83 5.05 -2.97 -42.88
CA VAL A 83 6.09 -2.19 -43.52
C VAL A 83 7.27 -3.14 -43.59
N GLY A 84 8.35 -2.74 -44.26
CA GLY A 84 9.50 -3.60 -44.36
C GLY A 84 9.96 -4.22 -43.04
N GLU A 85 11.06 -4.97 -43.10
CA GLU A 85 11.64 -5.62 -41.93
C GLU A 85 12.75 -4.73 -41.36
N GLU A 86 13.08 -4.96 -40.08
CA GLU A 86 14.10 -4.18 -39.36
C GLU A 86 15.13 -5.03 -38.62
N GLU A 87 16.31 -4.45 -38.40
CA GLU A 87 17.40 -5.08 -37.67
C GLU A 87 17.30 -4.57 -36.23
N PHE A 88 16.89 -5.46 -35.33
CA PHE A 88 16.69 -5.14 -33.91
C PHE A 88 17.94 -4.70 -33.15
N ARG A 89 17.89 -3.50 -32.60
CA ARG A 89 19.01 -2.98 -31.84
C ARG A 89 18.62 -2.58 -30.42
N GLY A 90 18.48 -3.57 -29.55
CA GLY A 90 18.12 -3.30 -28.17
C GLY A 90 16.81 -2.55 -27.99
N PHE A 91 16.13 -2.80 -26.88
CA PHE A 91 14.85 -2.14 -26.58
C PHE A 91 15.09 -0.67 -26.29
N GLN A 92 14.04 0.13 -26.30
CA GLN A 92 14.22 1.54 -25.96
C GLN A 92 13.82 1.72 -24.51
N ASN A 93 12.60 1.31 -24.16
CA ASN A 93 12.15 1.45 -22.80
C ASN A 93 11.97 0.10 -22.12
N GLU A 94 11.55 0.12 -20.86
CA GLU A 94 11.34 -1.10 -20.09
C GLU A 94 10.10 -1.81 -20.60
N ARG A 95 9.12 -1.03 -21.04
CA ARG A 95 7.85 -1.55 -21.55
C ARG A 95 8.09 -2.52 -22.71
N GLU A 96 8.94 -2.14 -23.64
CA GLU A 96 9.25 -3.00 -24.77
C GLU A 96 9.79 -4.32 -24.21
N CYS A 97 10.97 -4.26 -23.61
CA CYS A 97 11.61 -5.43 -23.03
C CYS A 97 10.59 -6.32 -22.33
N GLN A 98 9.78 -5.71 -21.47
CA GLN A 98 8.78 -6.42 -20.72
C GLN A 98 7.69 -7.04 -21.60
N GLU A 99 7.16 -6.29 -22.55
CA GLU A 99 6.12 -6.83 -23.44
C GLU A 99 6.67 -8.08 -24.12
N LEU A 100 7.78 -7.92 -24.83
CA LEU A 100 8.41 -9.02 -25.54
C LEU A 100 8.79 -10.18 -24.65
N PHE A 101 9.33 -9.87 -23.47
CA PHE A 101 9.74 -10.92 -22.54
C PHE A 101 8.55 -11.73 -22.04
N ARG A 102 7.46 -11.05 -21.72
CA ARG A 102 6.30 -11.75 -21.21
C ARG A 102 5.67 -12.64 -22.29
N ASP A 103 5.85 -12.30 -23.56
CA ASP A 103 5.29 -13.13 -24.64
C ASP A 103 6.01 -14.47 -24.62
N PHE A 104 7.33 -14.44 -24.78
CA PHE A 104 8.12 -15.65 -24.75
C PHE A 104 7.67 -16.56 -23.61
N LEU A 105 7.61 -16.02 -22.40
CA LEU A 105 7.19 -16.82 -21.26
C LEU A 105 5.92 -17.55 -21.59
N THR A 106 5.16 -17.02 -22.54
CA THR A 106 3.91 -17.66 -22.92
C THR A 106 4.08 -18.65 -24.07
N LYS A 107 4.59 -18.18 -25.20
CA LYS A 107 4.79 -19.05 -26.35
C LYS A 107 5.61 -20.23 -25.87
N THR A 108 6.36 -20.03 -24.78
CA THR A 108 7.21 -21.04 -24.19
C THR A 108 6.49 -21.87 -23.12
N LYS A 109 5.53 -21.27 -22.43
CA LYS A 109 4.78 -21.97 -21.38
C LYS A 109 5.61 -22.33 -20.15
N VAL A 110 6.89 -21.97 -20.18
CA VAL A 110 7.82 -22.24 -19.09
C VAL A 110 7.29 -21.94 -17.69
N LYS A 111 6.59 -20.81 -17.55
CA LYS A 111 6.02 -20.43 -16.25
C LYS A 111 5.02 -21.47 -15.76
N ASP A 112 4.13 -21.87 -16.67
CA ASP A 112 3.09 -22.84 -16.37
C ASP A 112 3.69 -24.24 -16.16
N LYS A 113 4.73 -24.55 -16.92
CA LYS A 113 5.37 -25.85 -16.76
C LYS A 113 5.85 -25.88 -15.29
N PHE A 114 6.35 -24.75 -14.81
CA PHE A 114 6.82 -24.66 -13.42
C PHE A 114 5.67 -24.86 -12.44
N ILE A 115 4.66 -24.01 -12.52
CA ILE A 115 3.51 -24.11 -11.62
C ILE A 115 2.96 -25.52 -11.70
N SER A 116 3.12 -26.15 -12.87
CA SER A 116 2.66 -27.50 -13.05
C SER A 116 3.47 -28.38 -12.10
N ASP A 117 4.77 -28.51 -12.37
CA ASP A 117 5.64 -29.33 -11.54
C ASP A 117 5.68 -28.90 -10.09
N PHE A 118 5.52 -27.61 -9.80
CA PHE A 118 5.55 -27.19 -8.40
C PHE A 118 4.45 -27.91 -7.66
N TYR A 119 3.28 -27.91 -8.28
CA TYR A 119 2.10 -28.54 -7.70
C TYR A 119 2.32 -30.02 -7.42
N LYS A 120 2.70 -30.79 -8.43
CA LYS A 120 2.94 -32.21 -8.25
C LYS A 120 4.06 -32.46 -7.23
N LYS A 121 5.27 -32.07 -7.60
CA LYS A 121 6.45 -32.24 -6.77
C LYS A 121 6.37 -31.59 -5.38
N PHE A 122 5.19 -31.09 -5.02
CA PHE A 122 4.99 -30.44 -3.72
C PHE A 122 3.57 -30.50 -3.17
N ARG A 123 2.60 -30.91 -3.99
CA ARG A 123 1.22 -30.99 -3.51
C ARG A 123 1.16 -31.98 -2.37
N ASP A 124 2.33 -32.42 -1.95
CA ASP A 124 2.49 -33.37 -0.86
C ASP A 124 1.75 -32.85 0.36
N LYS A 125 1.56 -31.53 0.40
CA LYS A 125 0.83 -30.92 1.49
C LYS A 125 0.68 -29.40 1.34
N ILE A 126 0.38 -28.94 0.12
CA ILE A 126 0.17 -27.51 -0.09
C ILE A 126 -1.31 -27.33 0.24
N THR A 127 -1.90 -28.45 0.66
CA THR A 127 -3.31 -28.53 1.05
C THR A 127 -3.38 -29.13 2.46
N VAL A 128 -4.23 -28.57 3.31
CA VAL A 128 -4.36 -29.06 4.68
C VAL A 128 -5.81 -29.41 4.98
N GLN A 129 -6.02 -30.29 5.95
CA GLN A 129 -7.36 -30.72 6.36
C GLN A 129 -8.01 -29.81 7.39
N GLY A 130 -7.58 -29.95 8.65
CA GLY A 130 -8.12 -29.15 9.74
C GLY A 130 -9.58 -29.47 9.96
N LYS A 131 -10.14 -29.03 11.09
CA LYS A 131 -11.56 -29.28 11.34
C LYS A 131 -12.30 -27.97 11.22
N ASN A 132 -12.69 -27.66 9.98
CA ASN A 132 -13.42 -26.45 9.68
C ASN A 132 -13.47 -26.36 8.15
N ARG A 133 -12.62 -27.18 7.52
CA ARG A 133 -12.49 -27.29 6.05
C ARG A 133 -11.23 -26.60 5.55
N ILE A 135 -8.37 -25.49 2.67
CA ILE A 135 -7.08 -24.80 2.69
C ILE A 135 -6.15 -25.19 1.55
N ALA A 136 -5.79 -24.21 0.74
CA ALA A 136 -4.91 -24.44 -0.40
C ALA A 136 -3.58 -23.72 -0.22
N LEU A 137 -2.92 -23.42 -1.34
CA LEU A 137 -1.63 -22.76 -1.30
C LEU A 137 -1.26 -22.31 -2.70
N ILE A 138 -1.98 -21.33 -3.22
CA ILE A 138 -1.72 -20.85 -4.57
C ILE A 138 -0.40 -20.07 -4.67
N PRO A 139 0.50 -20.54 -5.54
CA PRO A 139 1.81 -19.91 -5.75
C PRO A 139 1.76 -18.84 -6.85
N GLU A 140 1.51 -17.60 -6.46
CA GLU A 140 1.46 -16.51 -7.42
C GLU A 140 2.91 -16.20 -7.81
N VAL A 141 3.16 -15.92 -9.08
CA VAL A 141 4.52 -15.60 -9.52
C VAL A 141 4.45 -14.48 -10.55
N ASN A 142 5.25 -13.43 -10.39
CA ASN A 142 5.20 -12.32 -11.33
C ASN A 142 6.58 -11.85 -11.79
N GLU A 143 6.63 -11.34 -13.02
CA GLU A 143 7.85 -10.85 -13.64
C GLU A 143 7.67 -9.39 -13.98
N LYS A 144 8.60 -8.56 -13.54
CA LYS A 144 8.54 -7.15 -13.86
C LYS A 144 9.89 -6.82 -14.44
N VAL A 145 9.97 -5.78 -15.25
CA VAL A 145 11.23 -5.40 -15.85
C VAL A 145 11.41 -3.93 -15.54
N LEU A 146 12.54 -3.58 -14.94
CA LEU A 146 12.82 -2.20 -14.61
C LEU A 146 14.15 -1.82 -15.21
N LYS A 147 14.39 -0.53 -15.28
CA LYS A 147 15.65 -0.03 -15.80
C LYS A 147 16.47 0.26 -14.55
N SER A 148 17.48 1.10 -14.63
CA SER A 148 18.30 1.39 -13.48
C SER A 148 19.15 2.59 -13.78
N GLU A 149 19.61 3.29 -12.74
CA GLU A 149 20.44 4.47 -12.95
C GLU A 149 21.52 4.12 -13.98
N GLU A 150 22.13 2.95 -13.80
CA GLU A 150 23.17 2.45 -14.68
C GLU A 150 22.78 2.62 -16.14
N GLY A 151 21.85 1.80 -16.58
CA GLY A 151 21.38 1.86 -17.94
C GLY A 151 20.80 0.55 -18.42
N TYR A 152 21.08 -0.53 -17.72
CA TYR A 152 20.59 -1.85 -18.14
C TYR A 152 19.26 -2.25 -17.56
N PHE A 153 18.63 -3.23 -18.18
CA PHE A 153 17.32 -3.69 -17.75
C PHE A 153 17.46 -4.67 -16.61
N LEU A 154 16.42 -4.78 -15.79
CA LEU A 154 16.45 -5.66 -14.63
C LEU A 154 15.19 -6.44 -14.58
N LEU A 155 15.31 -7.76 -14.49
CA LEU A 155 14.10 -8.57 -14.40
C LEU A 155 13.76 -8.68 -12.94
N HIS A 156 12.59 -8.17 -12.59
CA HIS A 156 12.13 -8.23 -11.22
C HIS A 156 11.30 -9.49 -11.03
N LEU A 157 11.91 -10.48 -10.41
CA LEU A 157 11.25 -11.75 -10.17
C LEU A 157 10.90 -11.91 -8.71
N ASP A 158 9.62 -12.16 -8.42
CA ASP A 158 9.19 -12.29 -7.04
C ASP A 158 8.08 -13.32 -6.94
N LEU A 159 8.13 -14.15 -5.91
CA LEU A 159 7.09 -15.15 -5.73
C LEU A 159 6.46 -15.02 -4.34
N LYS A 160 5.15 -15.14 -4.29
CA LYS A 160 4.41 -15.04 -3.04
C LYS A 160 3.32 -16.09 -3.05
N PHE A 161 2.89 -16.54 -1.88
CA PHE A 161 1.83 -17.53 -1.85
C PHE A 161 0.56 -16.97 -1.28
N ARG A 162 -0.53 -17.36 -1.90
CA ARG A 162 -1.86 -16.94 -1.52
C ARG A 162 -2.52 -18.19 -0.93
N ILE A 163 -3.24 -18.02 0.17
CA ILE A 163 -3.91 -19.15 0.78
C ILE A 163 -5.40 -18.93 0.85
N GLN A 164 -6.14 -19.82 0.21
CA GLN A 164 -7.59 -19.75 0.22
C GLN A 164 -8.17 -21.15 0.27
N PRO A 165 -9.38 -21.28 0.83
CA PRO A 165 -10.06 -22.57 0.95
C PRO A 165 -10.60 -23.04 -0.38
N PHE A 166 -10.48 -24.34 -0.63
CA PHE A 166 -11.00 -24.93 -1.85
C PHE A 166 -12.53 -24.95 -1.70
N GLU A 167 -13.01 -23.88 -1.07
CA GLU A 167 -14.42 -23.63 -0.78
C GLU A 167 -14.73 -22.26 -1.36
N THR A 168 -16.00 -21.85 -1.39
CA THR A 168 -16.34 -20.53 -1.92
C THR A 168 -17.17 -19.73 -0.93
N LEU A 169 -17.45 -18.48 -1.26
CA LEU A 169 -18.23 -17.62 -0.37
C LEU A 169 -19.72 -17.98 -0.36
N GLN A 170 -20.25 -18.34 -1.53
CA GLN A 170 -21.66 -18.70 -1.62
C GLN A 170 -21.97 -19.90 -0.73
N THR A 171 -20.93 -20.65 -0.36
CA THR A 171 -21.14 -21.80 0.51
C THR A 171 -21.08 -21.40 1.98
N LEU A 172 -20.18 -20.47 2.30
CA LEU A 172 -20.01 -20.02 3.67
C LEU A 172 -21.16 -19.15 4.18
N LEU A 173 -21.84 -18.47 3.26
CA LEU A 173 -22.97 -17.64 3.64
C LEU A 173 -24.22 -18.53 3.70
N GLU A 174 -24.05 -19.74 4.21
CA GLU A 174 -25.12 -20.73 4.35
C GLU A 174 -24.84 -21.58 5.59
N ARG A 175 -23.71 -21.32 6.21
CA ARG A 175 -23.27 -22.05 7.40
C ARG A 175 -23.88 -21.46 8.68
N PHE A 178 -19.91 -16.52 7.81
CA PHE A 178 -20.54 -16.34 9.12
C PHE A 178 -20.80 -14.86 9.40
N ASN A 179 -19.85 -14.01 9.01
CA ASN A 179 -19.98 -12.59 9.24
C ASN A 179 -20.67 -11.91 8.04
N PRO A 180 -19.93 -11.58 6.96
CA PRO A 180 -18.50 -11.75 6.65
C PRO A 180 -17.70 -10.45 6.84
N LYS A 181 -18.27 -9.31 6.48
CA LYS A 181 -17.60 -8.02 6.61
C LYS A 181 -16.24 -7.96 5.91
N ARG A 182 -15.27 -7.28 6.53
CA ARG A 182 -13.93 -7.13 5.96
C ARG A 182 -13.21 -8.47 5.75
N ILE A 183 -13.45 -9.08 4.59
CA ILE A 183 -12.82 -10.36 4.25
C ILE A 183 -12.19 -10.33 2.88
N ARG A 184 -10.87 -10.41 2.81
CA ARG A 184 -10.20 -10.41 1.52
C ARG A 184 -10.72 -11.59 0.69
N VAL A 185 -11.32 -11.29 -0.47
CA VAL A 185 -11.88 -12.31 -1.35
C VAL A 185 -11.23 -12.24 -2.73
N LYS A 186 -11.53 -13.24 -3.57
CA LYS A 186 -10.99 -13.26 -4.92
C LYS A 186 -11.97 -13.88 -5.92
N PRO A 187 -12.30 -13.15 -7.00
CA PRO A 187 -13.21 -13.67 -8.02
C PRO A 187 -12.51 -14.76 -8.82
N ILE A 188 -13.21 -15.87 -9.06
CA ILE A 188 -12.66 -17.01 -9.78
C ILE A 188 -11.78 -16.66 -10.96
N GLY A 189 -12.36 -16.21 -12.08
CA GLY A 189 -11.56 -15.89 -13.26
C GLY A 189 -11.05 -14.46 -13.34
N ILE A 190 -10.90 -13.82 -12.19
CA ILE A 190 -10.44 -12.44 -12.11
C ILE A 190 -9.18 -12.33 -11.25
N ASP A 191 -8.37 -11.31 -11.53
CA ASP A 191 -7.13 -11.10 -10.77
C ASP A 191 -7.18 -9.89 -9.84
N PHE A 192 -8.07 -9.95 -8.84
CA PHE A 192 -8.21 -8.86 -7.88
C PHE A 192 -8.69 -9.31 -6.51
N VAL A 193 -8.06 -8.80 -5.46
CA VAL A 193 -8.46 -9.16 -4.10
C VAL A 193 -9.16 -8.00 -3.41
N GLY A 194 -10.48 -8.12 -3.26
CA GLY A 194 -11.26 -7.08 -2.62
C GLY A 194 -11.74 -7.44 -1.23
N ARG A 195 -12.38 -6.48 -0.57
CA ARG A 195 -12.89 -6.65 0.77
C ARG A 195 -14.39 -6.66 0.69
N VAL A 196 -15.05 -7.43 1.55
CA VAL A 196 -16.50 -7.50 1.56
C VAL A 196 -17.06 -6.33 2.35
N GLN A 197 -18.24 -5.86 1.96
CA GLN A 197 -18.91 -4.74 2.60
C GLN A 197 -20.23 -5.17 3.23
N ASP A 198 -21.23 -5.43 2.39
CA ASP A 198 -22.54 -5.86 2.85
C ASP A 198 -23.20 -6.82 1.84
N VAL A 199 -23.41 -8.05 2.27
CA VAL A 199 -24.02 -9.06 1.41
C VAL A 199 -25.54 -8.93 1.46
N PHE A 200 -26.17 -8.97 0.29
CA PHE A 200 -27.61 -8.85 0.16
C PHE A 200 -28.22 -10.01 -0.63
N LYS A 201 -29.54 -10.10 -0.65
CA LYS A 201 -30.22 -11.17 -1.38
C LYS A 201 -30.24 -10.79 -2.86
N ALA A 202 -29.98 -11.75 -3.72
CA ALA A 202 -29.93 -11.51 -5.17
C ALA A 202 -31.27 -11.26 -5.85
N LYS A 203 -32.33 -11.84 -5.32
CA LYS A 203 -33.66 -11.65 -5.91
C LYS A 203 -34.04 -10.17 -5.93
N GLU A 204 -33.69 -9.49 -4.84
CA GLU A 204 -33.96 -8.06 -4.66
C GLU A 204 -33.75 -7.19 -5.89
N LYS A 205 -32.79 -7.53 -6.74
CA LYS A 205 -32.51 -6.72 -7.93
C LYS A 205 -33.35 -6.99 -9.17
N GLY A 206 -34.64 -7.27 -8.98
CA GLY A 206 -35.52 -7.52 -10.12
C GLY A 206 -34.95 -8.51 -11.12
N GLU A 207 -34.68 -8.05 -12.34
CA GLU A 207 -34.13 -8.92 -13.36
C GLU A 207 -33.27 -8.19 -14.39
N GLU A 208 -33.69 -7.00 -14.80
CA GLU A 208 -32.95 -6.23 -15.79
C GLU A 208 -31.57 -5.79 -15.26
N PHE A 209 -31.38 -5.96 -13.96
CA PHE A 209 -30.12 -5.64 -13.29
C PHE A 209 -29.10 -6.59 -13.90
N PHE A 210 -29.37 -7.89 -13.71
CA PHE A 210 -28.51 -8.95 -14.21
C PHE A 210 -28.27 -8.81 -15.70
N ARG A 211 -29.15 -8.08 -16.38
CA ARG A 211 -28.99 -7.91 -17.81
C ARG A 211 -27.72 -7.08 -18.05
N LEU A 212 -27.77 -5.81 -17.68
CA LEU A 212 -26.62 -4.90 -17.87
C LEU A 212 -25.26 -5.57 -17.63
N CYS A 213 -24.86 -5.65 -16.37
CA CYS A 213 -23.57 -6.22 -15.99
C CYS A 213 -23.19 -7.51 -16.71
N MET A 214 -24.20 -8.30 -17.09
CA MET A 214 -23.96 -9.55 -17.78
C MET A 214 -23.32 -9.29 -19.15
N GLU A 215 -23.43 -8.05 -19.61
CA GLU A 215 -22.86 -7.67 -20.89
C GLU A 215 -21.59 -6.84 -20.67
N ARG A 216 -21.50 -6.19 -19.51
CA ARG A 216 -20.35 -5.38 -19.15
C ARG A 216 -19.28 -6.26 -18.50
N SER A 217 -19.36 -7.55 -18.79
CA SER A 217 -18.42 -8.53 -18.25
C SER A 217 -17.28 -8.83 -19.22
N THR A 218 -16.08 -8.98 -18.68
CA THR A 218 -14.89 -9.28 -19.47
C THR A 218 -14.13 -10.45 -18.86
N HIS A 219 -14.87 -11.34 -18.19
CA HIS A 219 -14.29 -12.51 -17.53
C HIS A 219 -15.21 -13.69 -17.74
N LYS A 220 -14.69 -14.77 -18.32
CA LYS A 220 -15.49 -15.97 -18.55
C LYS A 220 -16.21 -16.25 -17.25
N SER A 221 -15.51 -16.04 -16.13
CA SER A 221 -16.07 -16.24 -14.81
C SER A 221 -17.31 -15.34 -14.66
N SER A 222 -17.08 -14.05 -14.44
CA SER A 222 -18.14 -13.07 -14.28
C SER A 222 -19.29 -13.26 -15.26
N LYS A 223 -18.97 -13.26 -16.54
CA LYS A 223 -19.97 -13.44 -17.60
C LYS A 223 -20.87 -14.64 -17.34
N LYS A 224 -20.34 -15.83 -17.54
CA LYS A 224 -21.10 -17.05 -17.35
C LYS A 224 -21.79 -17.10 -16.01
N ALA A 225 -21.27 -16.35 -15.04
CA ALA A 225 -21.88 -16.34 -13.71
C ALA A 225 -23.13 -15.47 -13.70
N TRP A 226 -23.05 -14.34 -14.38
CA TRP A 226 -24.17 -13.43 -14.45
C TRP A 226 -25.27 -14.07 -15.27
N GLU A 227 -24.89 -14.58 -16.45
CA GLU A 227 -25.84 -15.24 -17.35
C GLU A 227 -26.63 -16.28 -16.56
N GLU A 228 -25.93 -17.07 -15.75
CA GLU A 228 -26.54 -18.09 -14.90
C GLU A 228 -27.79 -17.49 -14.27
N LEU A 229 -27.58 -16.61 -13.30
CA LEU A 229 -28.65 -15.94 -12.58
C LEU A 229 -29.67 -15.30 -13.49
N LEU A 230 -29.23 -14.68 -14.58
CA LEU A 230 -30.17 -14.04 -15.50
C LEU A 230 -31.18 -15.00 -16.10
N LYS A 231 -30.70 -16.07 -16.71
CA LYS A 231 -31.60 -17.02 -17.35
C LYS A 231 -32.07 -18.12 -16.41
N ASN A 232 -32.34 -17.75 -15.15
CA ASN A 232 -32.79 -18.73 -14.17
C ASN A 232 -33.31 -18.09 -12.89
N ARG A 233 -34.62 -17.83 -12.83
CA ARG A 233 -35.24 -17.25 -11.64
C ARG A 233 -35.18 -18.23 -10.47
N GLU A 234 -34.99 -19.50 -10.80
CA GLU A 234 -34.88 -20.57 -9.82
C GLU A 234 -33.84 -20.22 -8.77
N LEU A 235 -32.58 -20.14 -9.19
CA LEU A 235 -31.47 -19.83 -8.31
C LEU A 235 -31.51 -18.39 -7.78
N ARG A 236 -31.85 -17.44 -8.65
CA ARG A 236 -31.92 -16.02 -8.32
C ARG A 236 -32.30 -15.74 -6.86
N GLU A 237 -33.15 -16.57 -6.29
CA GLU A 237 -33.57 -16.39 -4.91
C GLU A 237 -32.54 -16.90 -3.91
N LYS A 238 -32.33 -18.21 -3.90
CA LYS A 238 -31.42 -18.88 -2.97
C LYS A 238 -29.96 -18.42 -2.88
N ALA A 239 -29.51 -17.58 -3.81
CA ALA A 239 -28.13 -17.12 -3.80
C ALA A 239 -27.96 -15.65 -3.42
N PHE A 240 -26.84 -15.35 -2.76
CA PHE A 240 -26.52 -13.99 -2.31
C PHE A 240 -25.57 -13.25 -3.23
N LEU A 241 -25.75 -11.95 -3.34
CA LEU A 241 -24.89 -11.11 -4.17
C LEU A 241 -24.05 -10.24 -3.24
N VAL A 242 -22.74 -10.45 -3.26
CA VAL A 242 -21.82 -9.72 -2.41
C VAL A 242 -21.25 -8.45 -3.07
N VAL A 243 -21.17 -7.37 -2.29
CA VAL A 243 -20.64 -6.09 -2.78
C VAL A 243 -19.34 -5.69 -2.09
N LEU A 244 -18.22 -5.99 -2.73
CA LEU A 244 -16.90 -5.69 -2.17
C LEU A 244 -16.70 -4.20 -1.89
N TYR A 248 -17.94 -1.97 -7.65
CA TYR A 248 -17.69 -3.35 -8.05
C TYR A 248 -18.48 -4.35 -7.20
N THR A 249 -18.82 -5.49 -7.80
CA THR A 249 -19.59 -6.52 -7.11
C THR A 249 -19.83 -7.75 -8.00
N TYR A 250 -19.75 -8.94 -7.41
CA TYR A 250 -19.96 -10.20 -8.12
C TYR A 250 -20.89 -11.12 -7.33
N PRO A 251 -21.16 -12.32 -7.85
CA PRO A 251 -22.04 -13.21 -7.09
C PRO A 251 -21.16 -14.08 -6.19
N ALA A 252 -21.62 -14.34 -4.97
CA ALA A 252 -20.85 -15.15 -4.02
C ALA A 252 -20.47 -16.53 -4.53
N THR A 253 -21.01 -16.92 -5.68
CA THR A 253 -20.72 -18.22 -6.28
C THR A 253 -19.39 -18.23 -7.04
N ILE A 254 -18.76 -17.07 -7.16
CA ILE A 254 -17.48 -16.97 -7.85
C ILE A 254 -16.47 -16.19 -7.02
N LEU A 255 -16.55 -16.35 -5.71
CA LEU A 255 -15.64 -15.66 -4.81
C LEU A 255 -15.09 -16.59 -3.75
N LYS A 256 -13.78 -16.70 -3.73
CA LYS A 256 -13.08 -17.53 -2.75
C LYS A 256 -12.31 -16.59 -1.82
N PRO A 257 -12.48 -16.76 -0.51
CA PRO A 257 -11.80 -15.90 0.47
C PRO A 257 -10.29 -16.05 0.43
N VAL A 258 -9.58 -14.92 0.41
CA VAL A 258 -8.12 -14.95 0.42
C VAL A 258 -7.79 -14.90 1.90
N LEU A 259 -7.07 -15.91 2.39
CA LEU A 259 -6.75 -15.97 3.81
C LEU A 259 -5.35 -15.59 4.23
N THR A 260 -5.26 -14.92 5.38
CA THR A 260 -4.00 -14.45 5.96
C THR A 260 -3.59 -15.38 7.10
N TYR A 261 -2.40 -15.16 7.66
CA TYR A 261 -1.92 -15.99 8.76
C TYR A 261 -2.37 -15.47 10.12
N VAL A 272 -2.42 -26.19 14.36
CA VAL A 272 -3.36 -25.40 13.55
C VAL A 272 -2.66 -24.91 12.29
N ALA A 273 -1.63 -24.09 12.48
CA ALA A 273 -0.88 -23.52 11.37
C ALA A 273 0.48 -24.19 11.13
N ASP A 274 0.48 -25.37 10.50
CA ASP A 274 1.74 -26.08 10.25
C ASP A 274 2.11 -26.11 8.76
N ILE A 275 1.92 -24.98 8.10
CA ILE A 275 2.25 -24.85 6.68
C ILE A 275 2.70 -23.43 6.40
N VAL A 276 3.96 -23.15 6.71
CA VAL A 276 4.52 -21.84 6.49
C VAL A 276 5.64 -21.91 5.46
N ARG A 277 5.61 -20.98 4.52
CA ARG A 277 6.59 -20.90 3.45
C ARG A 277 7.96 -20.41 3.97
N MET A 278 8.05 -20.25 5.28
CA MET A 278 9.27 -19.85 5.99
C MET A 278 10.15 -18.71 5.48
N GLU A 279 11.24 -18.50 6.21
CA GLU A 279 12.25 -17.46 5.98
C GLU A 279 12.76 -17.23 4.55
N PRO A 280 13.31 -16.03 4.29
CA PRO A 280 13.87 -15.56 3.02
C PRO A 280 14.96 -16.41 2.41
N GLY A 281 15.89 -16.87 3.23
CA GLY A 281 16.96 -17.69 2.72
C GLY A 281 16.43 -18.56 1.61
N LYS A 282 15.41 -19.36 1.91
CA LYS A 282 14.78 -20.25 0.93
C LYS A 282 14.09 -19.43 -0.16
N ARG A 283 13.26 -18.49 0.26
CA ARG A 283 12.54 -17.63 -0.67
C ARG A 283 13.44 -17.18 -1.82
N LEU A 284 14.60 -16.64 -1.48
CA LEU A 284 15.52 -16.16 -2.49
C LEU A 284 15.96 -17.34 -3.36
N ASN A 285 16.45 -18.39 -2.71
CA ASN A 285 16.89 -19.54 -3.45
C ASN A 285 15.74 -20.13 -4.26
N LEU A 286 14.51 -19.89 -3.82
CA LEU A 286 13.36 -20.42 -4.55
C LEU A 286 13.25 -19.67 -5.88
N ILE A 287 13.35 -18.34 -5.81
CA ILE A 287 13.26 -17.52 -7.01
C ILE A 287 14.50 -17.78 -7.84
N ARG A 288 15.62 -18.02 -7.15
CA ARG A 288 16.87 -18.30 -7.85
C ARG A 288 16.64 -19.49 -8.78
N TYR A 289 15.90 -20.48 -8.28
CA TYR A 289 15.57 -21.68 -9.04
C TYR A 289 14.79 -21.28 -10.29
N ILE A 290 13.57 -20.77 -10.06
CA ILE A 290 12.69 -20.31 -11.12
C ILE A 290 13.44 -19.51 -12.17
N LEU A 291 14.40 -18.72 -11.73
CA LEU A 291 15.18 -17.93 -12.67
C LEU A 291 15.92 -18.90 -13.61
N ARG A 292 16.53 -19.93 -13.04
CA ARG A 292 17.26 -20.90 -13.85
C ARG A 292 16.43 -21.47 -15.00
N ARG A 293 15.32 -22.12 -14.69
CA ARG A 293 14.48 -22.69 -15.74
C ARG A 293 14.26 -21.63 -16.82
N TYR A 294 13.63 -20.52 -16.44
CA TYR A 294 13.37 -19.41 -17.35
C TYR A 294 14.50 -19.29 -18.35
N VAL A 295 15.72 -19.16 -17.83
CA VAL A 295 16.91 -19.05 -18.65
C VAL A 295 16.93 -20.21 -19.67
N LYS A 296 17.04 -21.43 -19.15
CA LYS A 296 17.07 -22.62 -19.98
C LYS A 296 16.01 -22.58 -21.08
N ALA A 297 14.84 -22.02 -20.77
CA ALA A 297 13.75 -21.95 -21.73
C ALA A 297 13.91 -20.82 -22.74
N LEU A 298 14.65 -19.77 -22.39
CA LEU A 298 14.81 -18.65 -23.31
C LEU A 298 16.23 -18.39 -23.75
N ARG A 299 17.16 -19.31 -23.49
CA ARG A 299 18.54 -19.09 -23.91
C ARG A 299 18.67 -19.17 -25.43
N ASP A 300 18.10 -20.23 -25.99
CA ASP A 300 18.17 -20.47 -27.43
C ASP A 300 17.58 -19.34 -28.27
N TYR A 301 16.85 -18.43 -27.62
CA TYR A 301 16.22 -17.31 -28.31
C TYR A 301 16.97 -16.00 -28.17
N GLY A 302 18.15 -16.02 -27.54
CA GLY A 302 18.94 -14.81 -27.41
C GLY A 302 18.82 -14.05 -26.12
N TRP A 303 18.02 -14.55 -25.18
CA TRP A 303 17.83 -13.89 -23.90
C TRP A 303 18.89 -14.26 -22.88
N TYR A 304 19.56 -13.26 -22.34
CA TYR A 304 20.58 -13.47 -21.32
C TYR A 304 20.04 -12.89 -20.01
N ILE A 305 19.97 -13.72 -18.98
CA ILE A 305 19.49 -13.28 -17.67
C ILE A 305 20.56 -13.58 -16.61
N SER A 306 21.19 -12.53 -16.08
CA SER A 306 22.24 -12.66 -15.08
C SER A 306 21.85 -13.49 -13.83
N PRO A 307 22.72 -14.42 -13.41
CA PRO A 307 22.41 -15.24 -12.23
C PRO A 307 22.62 -14.54 -10.88
N GLU A 308 23.36 -13.44 -10.89
CA GLU A 308 23.64 -12.70 -9.67
C GLU A 308 22.60 -11.64 -9.32
N GLU A 309 22.16 -11.62 -8.08
CA GLU A 309 21.17 -10.63 -7.65
C GLU A 309 21.82 -9.27 -7.69
N GLU A 310 20.99 -8.23 -7.66
CA GLU A 310 21.47 -6.84 -7.66
C GLU A 310 21.63 -6.41 -6.21
N ARG A 311 22.58 -5.52 -5.96
CA ARG A 311 22.79 -5.08 -4.59
C ARG A 311 22.69 -3.58 -4.38
N ALA A 312 22.33 -3.20 -3.16
CA ALA A 312 22.19 -1.81 -2.76
C ALA A 312 23.43 -1.08 -3.22
N LYS A 313 23.24 0.11 -3.77
CA LYS A 313 24.36 0.92 -4.26
C LYS A 313 25.12 1.44 -3.08
N GLY A 314 24.38 1.70 -1.99
CA GLY A 314 24.98 2.24 -0.78
C GLY A 314 23.96 2.75 0.22
N LYS A 315 24.46 3.26 1.35
CA LYS A 315 23.60 3.80 2.40
C LYS A 315 23.52 5.31 2.23
N LEU A 316 22.40 5.90 2.64
CA LEU A 316 22.20 7.34 2.51
C LEU A 316 22.25 8.09 3.84
N ASN A 317 22.87 9.26 3.83
CA ASN A 317 22.98 10.07 5.05
C ASN A 317 21.88 11.10 5.18
N PHE A 318 21.22 11.08 6.32
CA PHE A 318 20.14 12.02 6.58
C PHE A 318 20.27 12.70 7.93
N LYS A 319 19.71 13.91 8.03
CA LYS A 319 19.73 14.67 9.27
C LYS A 319 18.76 13.97 10.22
N ASP A 320 19.28 13.39 11.30
CA ASP A 320 18.48 12.66 12.27
C ASP A 320 18.59 13.23 13.69
N THR A 321 18.92 14.50 13.80
CA THR A 321 19.04 15.11 15.11
C THR A 321 17.76 15.84 15.43
N VAL A 322 17.17 15.54 16.58
CA VAL A 322 15.95 16.19 17.03
C VAL A 322 16.29 17.02 18.26
N LEU A 323 15.39 17.92 18.64
CA LEU A 323 15.63 18.77 19.79
C LEU A 323 14.28 19.12 20.41
N ASP A 324 14.28 19.49 21.69
CA ASP A 324 13.03 19.84 22.35
C ASP A 324 12.80 21.34 22.33
N ALA A 325 11.95 21.81 23.23
CA ALA A 325 11.62 23.22 23.30
C ALA A 325 12.66 24.06 24.00
N LYS A 326 13.71 23.43 24.51
CA LYS A 326 14.76 24.15 25.21
C LYS A 326 16.12 24.07 24.51
N GLY A 327 16.19 23.28 23.44
CA GLY A 327 17.43 23.16 22.71
C GLY A 327 18.17 21.87 22.96
N LYS A 328 17.90 21.23 24.09
CA LYS A 328 18.57 19.98 24.37
C LYS A 328 18.36 19.11 23.15
N ASN A 329 19.44 18.67 22.52
CA ASN A 329 19.30 17.85 21.33
C ASN A 329 19.96 16.48 21.48
N THR A 330 19.69 15.58 20.53
CA THR A 330 20.28 14.25 20.60
C THR A 330 21.68 14.16 20.03
N LYS A 331 22.19 15.27 19.51
CA LYS A 331 23.55 15.26 18.99
C LYS A 331 24.39 15.18 20.27
N VAL A 332 23.85 15.76 21.34
CA VAL A 332 24.51 15.75 22.64
C VAL A 332 24.01 14.60 23.49
N ILE A 333 22.87 14.77 24.13
CA ILE A 333 22.34 13.70 24.95
C ILE A 333 21.92 12.59 23.99
N THR A 334 22.90 11.77 23.62
CA THR A 334 22.76 10.66 22.69
C THR A 334 21.81 9.52 23.04
N ASN A 335 21.71 9.15 24.32
CA ASN A 335 20.81 8.08 24.73
C ASN A 335 19.33 8.49 24.61
N LEU A 336 18.69 8.12 23.51
CA LEU A 336 17.29 8.46 23.28
C LEU A 336 16.39 8.23 24.50
N ARG A 337 16.59 7.12 25.19
CA ARG A 337 15.78 6.83 26.35
C ARG A 337 16.01 7.93 27.37
N LYS A 338 17.24 8.42 27.45
CA LYS A 338 17.57 9.48 28.39
C LYS A 338 16.94 10.76 27.87
N PHE A 339 17.13 11.02 26.59
CA PHE A 339 16.57 12.20 25.96
C PHE A 339 15.14 12.41 26.38
N LEU A 340 14.29 11.48 25.97
CA LEU A 340 12.87 11.50 26.29
C LEU A 340 12.61 11.82 27.76
N GLU A 341 13.44 11.28 28.65
CA GLU A 341 13.26 11.53 30.07
C GLU A 341 13.54 12.99 30.43
N LEU A 342 14.38 13.65 29.64
CA LEU A 342 14.73 15.04 29.91
C LEU A 342 14.13 16.05 28.94
N CYS A 343 13.47 15.57 27.89
CA CYS A 343 12.92 16.50 26.91
C CYS A 343 11.89 17.46 27.50
N ARG A 344 11.86 18.66 26.94
CA ARG A 344 10.91 19.69 27.32
C ARG A 344 10.01 19.86 26.10
N PRO A 345 8.88 19.17 26.08
CA PRO A 345 7.90 19.19 25.00
C PRO A 345 7.57 20.57 24.50
N PHE A 346 7.11 20.67 23.26
CA PHE A 346 6.70 21.96 22.73
C PHE A 346 5.22 22.00 23.10
N VAL A 347 4.93 21.96 24.40
CA VAL A 347 3.56 21.95 24.83
C VAL A 347 2.76 23.13 24.31
N LYS A 348 1.49 22.87 24.00
CA LYS A 348 0.54 23.87 23.49
C LYS A 348 -0.84 23.69 24.14
N LYS A 349 -1.29 22.45 24.29
CA LYS A 349 -2.56 22.21 24.97
C LYS A 349 -2.21 21.80 26.40
N ASP A 350 -2.06 22.78 27.29
CA ASP A 350 -1.66 22.59 28.68
C ASP A 350 -2.47 21.68 29.61
N VAL A 351 -3.72 21.40 29.26
CA VAL A 351 -4.58 20.55 30.09
C VAL A 351 -5.40 19.58 29.26
N LEU A 352 -5.23 18.30 29.52
CA LEU A 352 -5.94 17.29 28.75
C LEU A 352 -6.98 16.45 29.46
N SER A 353 -8.14 16.29 28.81
CA SER A 353 -9.22 15.48 29.34
C SER A 353 -9.07 14.14 28.65
N VAL A 354 -9.15 13.06 29.40
CA VAL A 354 -8.97 11.73 28.82
C VAL A 354 -9.86 10.66 29.45
N GLU A 355 -10.39 9.78 28.60
CA GLU A 355 -11.21 8.68 29.04
C GLU A 355 -10.36 7.42 29.09
N ILE A 356 -10.58 6.61 30.09
CA ILE A 356 -9.84 5.38 30.29
C ILE A 356 -10.74 4.17 30.15
N ILE A 357 -10.52 3.38 29.12
CA ILE A 357 -11.29 2.17 28.87
C ILE A 357 -10.41 0.99 29.27
N SER A 358 -10.96 0.07 30.04
CA SER A 358 -10.19 -1.07 30.51
C SER A 358 -10.86 -2.42 30.30
N VAL A 359 -10.23 -3.26 29.48
CA VAL A 359 -10.75 -4.59 29.22
C VAL A 359 -9.91 -5.58 30.02
N SER A 360 -10.56 -6.43 30.81
CA SER A 360 -9.87 -7.40 31.64
C SER A 360 -10.70 -8.66 31.81
N VAL A 361 -10.07 -9.81 31.64
CA VAL A 361 -10.80 -11.07 31.80
C VAL A 361 -11.07 -11.34 33.27
N TYR A 362 -12.19 -12.00 33.55
CA TYR A 362 -12.58 -12.37 34.91
C TYR A 362 -12.67 -11.21 35.90
N LYS A 363 -13.17 -11.51 37.09
CA LYS A 363 -13.32 -10.51 38.14
C LYS A 363 -11.99 -10.33 38.86
N LYS A 364 -10.97 -9.92 38.12
CA LYS A 364 -9.65 -9.70 38.68
C LYS A 364 -9.49 -8.24 39.11
N LEU A 365 -8.29 -7.88 39.57
CA LEU A 365 -8.05 -6.49 39.97
C LEU A 365 -6.69 -6.12 39.39
N GLU A 366 -6.62 -4.97 38.72
CA GLU A 366 -5.36 -4.55 38.10
C GLU A 366 -4.77 -3.31 38.73
N TRP A 367 -3.83 -3.52 39.65
CA TRP A 367 -3.13 -2.43 40.31
C TRP A 367 -2.13 -1.94 39.29
N ARG A 368 -1.74 -2.85 38.41
CA ARG A 368 -0.79 -2.56 37.37
C ARG A 368 -1.25 -1.37 36.53
N LYS A 369 -2.53 -1.34 36.19
CA LYS A 369 -3.03 -0.23 35.40
C LYS A 369 -2.99 1.03 36.24
N GLU A 370 -3.53 0.95 37.45
CA GLU A 370 -3.54 2.07 38.37
C GLU A 370 -2.13 2.61 38.57
N GLU A 371 -1.17 1.71 38.78
CA GLU A 371 0.22 2.09 38.98
C GLU A 371 0.66 2.93 37.79
N PHE A 372 0.60 2.33 36.61
CA PHE A 372 0.99 3.00 35.38
C PHE A 372 0.31 4.35 35.20
N LEU A 373 -1.02 4.35 35.23
CA LEU A 373 -1.82 5.58 35.10
C LEU A 373 -1.25 6.68 36.00
N LYS A 374 -1.03 6.34 37.27
CA LYS A 374 -0.50 7.31 38.22
C LYS A 374 0.87 7.77 37.77
N GLU A 375 1.68 6.84 37.30
CA GLU A 375 3.03 7.17 36.85
C GLU A 375 2.98 7.99 35.58
N LEU A 376 2.02 7.73 34.73
CA LEU A 376 1.90 8.48 33.50
C LEU A 376 1.45 9.87 33.84
N ILE A 377 0.27 10.00 34.43
CA ILE A 377 -0.28 11.31 34.80
C ILE A 377 0.78 12.18 35.47
N ASN A 378 1.54 11.55 36.35
CA ASN A 378 2.57 12.22 37.11
C ASN A 378 3.80 12.52 36.28
N PHE A 379 4.16 11.60 35.41
CA PHE A 379 5.32 11.77 34.55
C PHE A 379 5.09 12.86 33.51
N LEU A 380 3.82 13.15 33.25
CA LEU A 380 3.42 14.14 32.27
C LEU A 380 3.24 15.47 32.98
N LYS A 381 3.00 15.38 34.29
CA LYS A 381 2.83 16.55 35.11
C LYS A 381 4.20 17.19 35.21
N ASN A 382 5.23 16.34 35.31
CA ASN A 382 6.61 16.78 35.39
C ASN A 382 7.03 17.47 34.09
N LYS A 383 6.30 17.21 33.01
CA LYS A 383 6.58 17.84 31.73
C LYS A 383 5.75 19.12 31.56
N GLY A 384 4.78 19.30 32.45
CA GLY A 384 3.94 20.48 32.41
C GLY A 384 2.58 20.28 31.75
N ILE A 385 2.07 19.07 31.80
CA ILE A 385 0.78 18.77 31.18
C ILE A 385 -0.15 18.12 32.20
N LYS A 386 -1.20 18.82 32.62
CA LYS A 386 -2.15 18.23 33.56
C LYS A 386 -3.15 17.35 32.78
N LEU A 387 -3.02 16.04 32.96
CA LEU A 387 -3.88 15.08 32.29
C LEU A 387 -5.11 14.73 33.10
N LYS A 388 -6.01 15.69 33.23
CA LYS A 388 -7.27 15.54 33.97
C LYS A 388 -8.15 14.42 33.39
N ILE A 389 -8.36 13.35 34.17
CA ILE A 389 -9.19 12.22 33.73
C ILE A 389 -10.68 12.61 33.73
N LYS A 390 -11.43 12.13 32.76
CA LYS A 390 -12.85 12.47 32.71
C LYS A 390 -13.76 11.27 32.97
N GLY A 391 -13.54 10.17 32.26
CA GLY A 391 -14.37 9.01 32.46
C GLY A 391 -13.61 7.69 32.47
N LYS A 392 -14.01 6.79 33.36
CA LYS A 392 -13.41 5.46 33.47
C LYS A 392 -14.49 4.48 33.02
N SER A 393 -14.11 3.47 32.26
CA SER A 393 -15.05 2.49 31.73
C SER A 393 -14.48 1.07 31.75
N LEU A 394 -14.75 0.35 32.84
CA LEU A 394 -14.25 -1.00 33.00
C LEU A 394 -15.09 -2.02 32.26
N ILE A 395 -14.41 -2.90 31.52
CA ILE A 395 -15.04 -3.95 30.76
C ILE A 395 -14.47 -5.32 31.14
N LEU A 396 -15.36 -6.27 31.40
CA LEU A 396 -14.97 -7.63 31.74
C LEU A 396 -15.39 -8.43 30.54
N ALA A 397 -14.64 -9.45 30.19
CA ALA A 397 -14.99 -10.25 29.04
C ALA A 397 -14.00 -11.37 28.83
N GLN A 398 -14.44 -12.40 28.13
CA GLN A 398 -13.61 -13.57 27.84
C GLN A 398 -14.00 -14.17 26.50
N THR A 399 -13.70 -13.46 25.41
CA THR A 399 -14.03 -13.94 24.07
C THR A 399 -13.85 -12.85 23.02
N ARG A 400 -14.97 -12.27 22.62
CA ARG A 400 -14.98 -11.20 21.64
C ARG A 400 -16.31 -10.50 21.83
N GLU A 401 -16.82 -10.65 23.04
CA GLU A 401 -18.05 -10.02 23.47
C GLU A 401 -17.56 -8.61 23.70
N GLU A 402 -16.23 -8.50 23.82
CA GLU A 402 -15.57 -7.23 24.04
C GLU A 402 -15.98 -6.33 22.90
N ALA A 403 -15.84 -6.84 21.68
CA ALA A 403 -16.23 -6.06 20.52
C ALA A 403 -17.68 -5.64 20.78
N LYS A 404 -18.48 -6.65 21.14
CA LYS A 404 -19.91 -6.49 21.43
C LYS A 404 -20.19 -5.70 22.70
N GLU A 405 -19.17 -5.49 23.52
CA GLU A 405 -19.34 -4.78 24.78
C GLU A 405 -18.62 -3.43 24.77
N LYS A 406 -17.68 -3.30 23.85
CA LYS A 406 -16.90 -2.08 23.70
C LYS A 406 -17.53 -1.23 22.62
N LEU A 407 -18.24 -1.90 21.71
CA LEU A 407 -18.90 -1.22 20.61
C LEU A 407 -19.79 -0.12 21.19
N ILE A 408 -19.84 -0.07 22.51
CA ILE A 408 -20.65 0.93 23.20
C ILE A 408 -19.79 2.00 23.87
N PRO A 409 -18.98 1.63 24.88
CA PRO A 409 -18.14 2.65 25.53
C PRO A 409 -17.57 3.59 24.48
N VAL A 410 -17.15 3.02 23.36
CA VAL A 410 -16.58 3.79 22.25
C VAL A 410 -17.61 4.72 21.64
N ILE A 411 -18.44 4.19 20.73
CA ILE A 411 -19.44 5.01 20.06
C ILE A 411 -20.48 5.60 21.03
N ASN A 412 -20.13 5.68 22.31
CA ASN A 412 -21.01 6.22 23.34
C ASN A 412 -20.47 7.55 23.88
N LYS A 413 -20.66 7.78 25.19
CA LYS A 413 -20.22 9.01 25.88
C LYS A 413 -18.87 9.53 25.38
N ILE A 414 -18.08 8.69 24.72
CA ILE A 414 -16.83 9.21 24.23
C ILE A 414 -17.17 10.23 23.14
N LYS A 415 -17.28 11.49 23.55
CA LYS A 415 -17.57 12.60 22.66
C LYS A 415 -16.49 13.62 23.01
N ASP A 416 -15.59 13.80 22.05
CA ASP A 416 -14.42 14.66 22.17
C ASP A 416 -13.92 14.97 23.59
N VAL A 417 -12.72 14.45 23.81
CA VAL A 417 -11.93 14.62 25.00
C VAL A 417 -10.63 14.83 24.21
N ASP A 418 -9.46 14.84 24.86
CA ASP A 418 -8.23 15.06 24.12
C ASP A 418 -7.56 13.74 23.72
N LEU A 419 -7.91 12.68 24.43
CA LEU A 419 -7.33 11.36 24.17
C LEU A 419 -8.14 10.32 24.94
N VAL A 420 -7.99 9.07 24.51
CA VAL A 420 -8.66 7.94 25.14
C VAL A 420 -7.60 6.88 25.30
N ILE A 421 -7.42 6.37 26.50
CA ILE A 421 -6.42 5.35 26.73
C ILE A 421 -7.11 3.99 26.87
N VAL A 422 -6.59 2.97 26.21
CA VAL A 422 -7.21 1.65 26.30
C VAL A 422 -6.26 0.55 26.76
N PHE A 423 -6.68 -0.22 27.76
CA PHE A 423 -5.87 -1.32 28.28
C PHE A 423 -6.48 -2.60 27.77
N LEU A 424 -5.83 -3.23 26.81
CA LEU A 424 -6.37 -4.43 26.22
C LEU A 424 -5.84 -5.75 26.70
N GLU A 425 -6.73 -6.72 26.71
CA GLU A 425 -6.42 -8.09 27.07
C GLU A 425 -6.45 -8.75 25.69
N GLU A 426 -5.71 -9.83 25.52
CA GLU A 426 -5.69 -10.49 24.22
C GLU A 426 -6.23 -11.88 24.39
N TYR A 427 -7.07 -12.32 23.45
CA TYR A 427 -7.66 -13.65 23.54
C TYR A 427 -7.21 -14.56 22.42
N PRO A 428 -7.19 -15.88 22.68
CA PRO A 428 -6.79 -16.89 21.69
C PRO A 428 -7.99 -17.26 20.81
N LYS A 429 -8.02 -16.76 19.58
CA LYS A 429 -9.15 -17.06 18.70
C LYS A 429 -8.75 -17.39 17.29
N VAL A 430 -8.93 -16.39 16.43
CA VAL A 430 -8.65 -16.48 15.00
C VAL A 430 -9.98 -16.65 14.27
N ASP A 431 -10.40 -15.61 13.54
CA ASP A 431 -11.62 -15.77 12.79
C ASP A 431 -11.12 -16.36 11.49
N PRO A 432 -11.42 -17.64 11.26
CA PRO A 432 -11.03 -18.41 10.07
C PRO A 432 -11.07 -17.69 8.73
N TYR A 433 -11.76 -16.56 8.65
CA TYR A 433 -11.83 -15.85 7.38
C TYR A 433 -11.65 -14.33 7.48
N LYS A 434 -12.21 -13.75 8.54
CA LYS A 434 -12.16 -12.31 8.78
C LYS A 434 -11.07 -11.90 9.76
N SER A 435 -10.52 -10.71 9.58
CA SER A 435 -9.48 -10.22 10.46
C SER A 435 -10.05 -9.43 11.65
N PHE A 436 -9.94 -10.03 12.83
CA PHE A 436 -10.45 -9.40 14.04
C PHE A 436 -9.50 -9.52 15.22
N LEU A 437 -9.24 -8.38 15.85
CA LEU A 437 -8.39 -8.31 17.03
C LEU A 437 -8.65 -6.95 17.62
N LEU A 438 -8.89 -6.91 18.92
CA LEU A 438 -9.22 -5.68 19.60
C LEU A 438 -8.33 -4.48 19.30
N TYR A 439 -7.04 -4.72 19.07
CA TYR A 439 -6.14 -3.62 18.76
C TYR A 439 -6.68 -2.89 17.53
N ASP A 440 -6.60 -3.55 16.37
CA ASP A 440 -7.09 -2.98 15.13
C ASP A 440 -8.51 -2.47 15.33
N PHE A 441 -9.33 -3.25 16.01
CA PHE A 441 -10.70 -2.82 16.23
C PHE A 441 -10.79 -1.45 16.92
N VAL A 442 -10.38 -1.40 18.18
CA VAL A 442 -10.41 -0.18 18.96
C VAL A 442 -9.89 0.99 18.15
N LYS A 443 -8.67 0.84 17.64
CA LYS A 443 -7.98 1.85 16.83
C LYS A 443 -8.79 2.42 15.68
N ARG A 444 -9.26 1.54 14.81
CA ARG A 444 -10.06 1.93 13.66
C ARG A 444 -11.34 2.69 14.09
N GLU A 445 -12.00 2.20 15.15
CA GLU A 445 -13.22 2.82 15.63
C GLU A 445 -13.02 4.20 16.21
N LEU A 446 -11.80 4.45 16.70
CA LEU A 446 -11.48 5.75 17.29
C LEU A 446 -10.94 6.66 16.21
N LEU A 447 -10.50 6.05 15.11
CA LEU A 447 -10.00 6.81 13.98
C LEU A 447 -11.20 7.51 13.33
N LYS A 448 -12.29 6.77 13.19
CA LYS A 448 -13.53 7.28 12.61
C LYS A 448 -14.05 8.37 13.54
N LYS A 449 -13.94 8.11 14.85
CA LYS A 449 -14.38 9.03 15.88
C LYS A 449 -13.41 10.19 15.94
N MET A 450 -12.34 10.06 15.15
CA MET A 450 -11.27 11.05 15.08
C MET A 450 -10.82 11.52 16.46
N ILE A 451 -10.36 10.56 17.24
CA ILE A 451 -9.90 10.82 18.58
C ILE A 451 -8.55 10.18 18.72
N PRO A 452 -7.58 10.92 19.26
CA PRO A 452 -6.26 10.30 19.40
C PRO A 452 -6.34 9.20 20.48
N SER A 453 -5.72 8.06 20.21
CA SER A 453 -5.80 6.93 21.14
C SER A 453 -4.50 6.21 21.44
N GLN A 454 -4.41 5.66 22.64
CA GLN A 454 -3.24 4.93 23.07
C GLN A 454 -3.67 3.57 23.57
N VAL A 455 -3.39 2.53 22.81
CA VAL A 455 -3.75 1.18 23.22
C VAL A 455 -2.58 0.59 23.99
N ILE A 456 -2.84 0.16 25.21
CA ILE A 456 -1.78 -0.41 26.01
C ILE A 456 -2.13 -1.86 26.34
N LEU A 457 -1.40 -2.81 25.77
CA LEU A 457 -1.71 -4.21 26.02
C LEU A 457 -1.29 -4.62 27.42
N ASN A 458 -2.20 -5.31 28.11
CA ASN A 458 -1.95 -5.76 29.46
C ASN A 458 -0.79 -6.75 29.48
N ARG A 459 -0.58 -7.44 28.36
CA ARG A 459 0.53 -8.38 28.27
C ARG A 459 1.83 -7.61 28.49
N THR A 460 1.86 -6.37 28.00
CA THR A 460 3.03 -5.51 28.12
C THR A 460 3.24 -4.98 29.53
N LEU A 461 2.15 -4.65 30.22
CA LEU A 461 2.25 -4.14 31.58
C LEU A 461 2.72 -5.23 32.54
N LYS A 462 2.44 -6.48 32.21
CA LYS A 462 2.84 -7.58 33.07
C LYS A 462 4.31 -7.99 32.94
N ASN A 463 4.84 -7.96 31.72
CA ASN A 463 6.21 -8.42 31.51
C ASN A 463 7.31 -7.41 31.18
N GLU A 464 6.97 -6.24 30.65
CA GLU A 464 8.00 -5.26 30.31
C GLU A 464 8.45 -4.41 31.50
N ASN A 465 9.24 -3.39 31.22
CA ASN A 465 9.75 -2.48 32.26
C ASN A 465 8.88 -1.24 32.32
N LEU A 466 8.10 -1.10 33.39
CA LEU A 466 7.23 0.05 33.55
C LEU A 466 7.91 1.38 33.19
N LYS A 467 9.24 1.41 33.29
CA LYS A 467 9.97 2.64 33.00
C LYS A 467 10.22 2.83 31.51
N PHE A 468 10.56 1.74 30.83
CA PHE A 468 10.81 1.80 29.39
C PHE A 468 9.49 1.89 28.64
N VAL A 469 8.41 1.55 29.33
CA VAL A 469 7.07 1.61 28.75
C VAL A 469 6.56 3.01 29.01
N LEU A 470 6.71 3.48 30.23
CA LEU A 470 6.27 4.82 30.60
C LEU A 470 6.78 5.81 29.56
N LEU A 471 8.03 5.64 29.17
CA LEU A 471 8.63 6.50 28.17
C LEU A 471 7.99 6.22 26.84
N ASN A 472 8.01 4.95 26.47
CA ASN A 472 7.46 4.45 25.22
C ASN A 472 6.07 5.00 24.88
N VAL A 473 5.25 5.21 25.90
CA VAL A 473 3.91 5.75 25.72
C VAL A 473 4.01 7.25 25.67
N ALA A 474 4.46 7.84 26.77
CA ALA A 474 4.62 9.28 26.90
C ALA A 474 4.94 9.93 25.56
N GLU A 475 5.94 9.40 24.87
CA GLU A 475 6.31 9.92 23.58
C GLU A 475 5.15 9.82 22.61
N GLN A 476 4.52 8.65 22.55
CA GLN A 476 3.39 8.48 21.64
C GLN A 476 2.31 9.47 22.00
N VAL A 477 1.88 9.44 23.27
CA VAL A 477 0.82 10.32 23.77
C VAL A 477 1.09 11.79 23.51
N LEU A 478 2.22 12.28 23.95
CA LEU A 478 2.53 13.68 23.73
C LEU A 478 2.21 14.09 22.30
N ALA A 479 2.79 13.40 21.33
CA ALA A 479 2.56 13.69 19.92
C ALA A 479 1.09 13.67 19.51
N LYS A 480 0.45 12.52 19.72
CA LYS A 480 -0.95 12.35 19.38
C LYS A 480 -1.81 13.49 19.88
N THR A 481 -1.34 14.22 20.90
CA THR A 481 -2.14 15.29 21.47
C THR A 481 -1.70 16.72 21.24
N GLY A 482 -0.79 16.95 20.30
CA GLY A 482 -0.37 18.31 20.02
C GLY A 482 0.65 18.87 20.98
N ASN A 483 1.38 17.99 21.64
CA ASN A 483 2.43 18.40 22.56
C ASN A 483 3.63 17.59 22.14
N ILE A 484 4.09 17.79 20.92
CA ILE A 484 5.23 17.03 20.42
C ILE A 484 6.43 17.23 21.34
N PRO A 485 7.10 16.13 21.73
CA PRO A 485 8.27 16.14 22.61
C PRO A 485 9.54 16.66 21.99
N TYR A 486 9.57 16.72 20.66
CA TYR A 486 10.76 17.19 19.95
C TYR A 486 10.45 17.33 18.47
N LYS A 487 11.40 17.88 17.74
CA LYS A 487 11.25 18.06 16.31
C LYS A 487 12.66 18.06 15.74
N LEU A 488 12.78 17.96 14.41
CA LEU A 488 14.09 17.92 13.79
C LEU A 488 14.83 19.20 14.00
N LYS A 489 16.15 19.11 14.17
CA LYS A 489 16.97 20.30 14.36
C LYS A 489 17.04 21.00 13.02
N GLU A 490 16.99 20.19 11.96
CA GLU A 490 17.03 20.67 10.58
C GLU A 490 16.90 19.48 9.65
N ILE A 491 16.59 19.73 8.38
CA ILE A 491 16.46 18.67 7.37
C ILE A 491 17.32 19.08 6.17
N GLU A 492 17.90 18.09 5.48
CA GLU A 492 18.75 18.39 4.33
C GLU A 492 18.06 19.15 3.22
N GLY A 493 18.59 20.31 2.87
CA GLY A 493 18.00 21.10 1.81
C GLY A 493 17.06 22.18 2.29
N LYS A 494 16.93 23.23 1.48
CA LYS A 494 16.07 24.36 1.81
C LYS A 494 14.64 24.14 1.34
N VAL A 495 13.77 23.76 2.26
CA VAL A 495 12.36 23.52 1.96
C VAL A 495 11.57 24.32 2.96
N ASP A 496 10.45 24.88 2.51
CA ASP A 496 9.64 25.67 3.40
C ASP A 496 8.52 24.83 4.00
N ALA A 497 8.16 23.74 3.31
CA ALA A 497 7.09 22.87 3.77
C ALA A 497 7.09 21.51 3.10
N PHE A 498 6.53 20.50 3.76
CA PHE A 498 6.41 19.17 3.17
C PHE A 498 4.95 18.85 3.21
N VAL A 499 4.35 18.74 2.03
CA VAL A 499 2.94 18.43 1.94
C VAL A 499 2.77 16.98 1.58
N GLY A 500 1.83 16.31 2.23
CA GLY A 500 1.58 14.91 1.93
C GLY A 500 0.10 14.76 1.62
N ILE A 501 -0.24 14.35 0.41
CA ILE A 501 -1.65 14.23 0.10
C ILE A 501 -2.02 12.90 -0.48
N ASP A 502 -3.25 12.50 -0.22
CA ASP A 502 -3.78 11.24 -0.72
C ASP A 502 -5.22 11.45 -1.12
N ILE A 503 -5.48 11.20 -2.40
CA ILE A 503 -6.81 11.35 -2.95
C ILE A 503 -7.31 9.98 -3.29
N SER A 504 -8.41 9.57 -2.67
CA SER A 504 -9.00 8.26 -2.94
C SER A 504 -10.42 8.48 -3.46
N ARG A 505 -10.73 7.88 -4.60
CA ARG A 505 -12.03 8.05 -5.22
C ARG A 505 -12.92 6.81 -5.38
N ILE A 506 -14.17 6.93 -4.93
CA ILE A 506 -15.12 5.84 -5.04
C ILE A 506 -15.56 5.81 -6.50
N THR A 507 -15.33 4.70 -7.18
CA THR A 507 -15.72 4.57 -8.57
C THR A 507 -16.71 3.44 -8.82
N ARG A 508 -17.99 3.79 -8.89
CA ARG A 508 -19.06 2.84 -9.15
C ARG A 508 -19.54 3.09 -10.58
N ASP A 509 -18.73 2.60 -11.53
CA ASP A 509 -18.98 2.75 -12.96
C ASP A 509 -18.57 4.14 -13.44
N GLY A 510 -18.74 4.37 -14.74
CA GLY A 510 -18.39 5.66 -15.33
C GLY A 510 -17.10 6.27 -14.83
N LYS A 511 -17.08 7.60 -14.74
CA LYS A 511 -15.89 8.33 -14.27
C LYS A 511 -16.13 9.02 -12.94
N THR A 512 -15.91 8.27 -11.85
CA THR A 512 -16.05 8.78 -10.48
C THR A 512 -17.49 8.88 -9.99
N VAL A 513 -17.63 9.42 -8.78
CA VAL A 513 -18.89 9.64 -8.09
C VAL A 513 -18.53 10.71 -7.07
N ASN A 514 -17.85 10.28 -6.00
CA ASN A 514 -17.40 11.18 -4.96
C ASN A 514 -15.96 10.80 -4.62
N ALA A 515 -15.33 11.53 -3.72
CA ALA A 515 -13.96 11.25 -3.34
C ALA A 515 -13.63 11.82 -1.97
N VAL A 516 -12.40 11.58 -1.53
CA VAL A 516 -11.96 12.08 -0.26
C VAL A 516 -10.53 12.43 -0.45
N ALA A 517 -10.05 13.43 0.26
CA ALA A 517 -8.67 13.79 0.11
C ALA A 517 -8.13 14.20 1.46
N PHE A 518 -6.99 13.62 1.83
CA PHE A 518 -6.38 13.95 3.08
C PHE A 518 -5.06 14.68 2.77
N THR A 519 -4.86 15.83 3.43
CA THR A 519 -3.66 16.61 3.21
C THR A 519 -3.05 16.96 4.54
N LYS A 520 -1.73 16.83 4.62
CA LYS A 520 -1.00 17.14 5.84
C LYS A 520 0.16 18.04 5.45
N ILE A 521 0.28 19.16 6.16
CA ILE A 521 1.35 20.11 5.88
C ILE A 521 2.26 20.20 7.07
N PHE A 522 3.55 19.98 6.83
CA PHE A 522 4.53 20.05 7.89
C PHE A 522 5.44 21.18 7.52
N ASN A 523 6.13 21.76 8.49
CA ASN A 523 7.04 22.84 8.17
C ASN A 523 8.40 22.25 7.86
N SER A 524 9.42 23.10 7.80
CA SER A 524 10.78 22.67 7.50
C SER A 524 11.42 21.88 8.63
N LYS A 525 10.82 21.94 9.80
CA LYS A 525 11.37 21.24 10.95
C LYS A 525 10.56 19.98 11.22
N GLY A 526 9.65 19.64 10.33
CA GLY A 526 8.86 18.44 10.52
C GLY A 526 7.65 18.60 11.43
N GLU A 527 7.35 19.81 11.88
CA GLU A 527 6.18 20.00 12.73
C GLU A 527 4.93 19.94 11.86
N LEU A 528 3.91 19.23 12.30
CA LEU A 528 2.68 19.19 11.52
C LEU A 528 2.01 20.54 11.70
N VAL A 529 2.00 21.37 10.66
CA VAL A 529 1.38 22.68 10.76
C VAL A 529 -0.14 22.61 10.61
N ARG A 530 -0.63 21.66 9.82
CA ARG A 530 -2.06 21.56 9.62
C ARG A 530 -2.46 20.38 8.75
N TYR A 531 -3.63 19.82 9.03
CA TYR A 531 -4.13 18.74 8.20
C TYR A 531 -5.51 19.13 7.65
N TYR A 532 -5.91 18.48 6.57
CA TYR A 532 -7.21 18.78 5.98
C TYR A 532 -7.77 17.52 5.33
N LEU A 533 -8.78 16.97 5.97
CA LEU A 533 -9.46 15.77 5.53
C LEU A 533 -10.82 16.24 5.05
N THR A 534 -11.14 15.95 3.79
CA THR A 534 -12.42 16.36 3.25
C THR A 534 -12.86 15.50 2.07
N SER A 535 -14.18 15.38 1.92
CA SER A 535 -14.80 14.62 0.85
C SER A 535 -15.44 15.57 -0.15
N TYR A 536 -15.43 15.19 -1.43
CA TYR A 536 -16.00 16.03 -2.48
C TYR A 536 -17.06 15.37 -3.35
N PRO A 537 -18.34 15.50 -2.98
CA PRO A 537 -19.38 14.87 -3.83
C PRO A 537 -19.28 15.65 -5.15
N ALA A 538 -19.46 15.00 -6.30
CA ALA A 538 -19.29 15.75 -7.55
C ALA A 538 -20.25 15.57 -8.73
N PHE A 539 -20.29 16.61 -9.58
CA PHE A 539 -21.09 16.66 -10.80
C PHE A 539 -20.17 16.23 -11.93
N GLY A 540 -19.25 17.13 -12.30
CA GLY A 540 -18.30 16.83 -13.36
C GLY A 540 -17.03 16.24 -12.78
N GLU A 541 -16.16 15.75 -13.65
CA GLU A 541 -14.92 15.16 -13.20
C GLU A 541 -13.84 16.24 -13.12
N LYS A 542 -14.12 17.25 -12.29
CA LYS A 542 -13.22 18.36 -12.07
C LYS A 542 -12.87 18.38 -10.58
N LEU A 543 -12.77 17.20 -9.99
CA LEU A 543 -12.48 17.08 -8.58
C LEU A 543 -11.02 17.26 -8.20
N THR A 544 -10.12 16.99 -9.14
CA THR A 544 -8.69 17.16 -8.86
C THR A 544 -8.35 18.65 -8.76
N GLU A 545 -8.80 19.41 -9.75
CA GLU A 545 -8.56 20.85 -9.81
C GLU A 545 -8.91 21.46 -8.47
N LYS A 546 -10.09 21.11 -7.97
CA LYS A 546 -10.55 21.63 -6.70
C LYS A 546 -9.74 21.06 -5.53
N ALA A 547 -9.72 19.74 -5.40
CA ALA A 547 -8.98 19.06 -4.33
C ALA A 547 -7.60 19.67 -4.12
N ILE A 548 -6.78 19.64 -5.17
CA ILE A 548 -5.45 20.19 -5.10
C ILE A 548 -5.55 21.66 -4.77
N GLY A 549 -6.53 22.33 -5.36
CA GLY A 549 -6.72 23.76 -5.09
C GLY A 549 -6.73 24.05 -3.60
N ASP A 550 -7.68 23.47 -2.88
CA ASP A 550 -7.83 23.65 -1.43
C ASP A 550 -6.51 23.56 -0.67
N VAL A 551 -5.56 22.83 -1.23
CA VAL A 551 -4.28 22.65 -0.59
C VAL A 551 -3.49 23.92 -0.68
N PHE A 552 -3.40 24.51 -1.88
CA PHE A 552 -2.66 25.75 -2.04
C PHE A 552 -3.35 26.87 -1.26
N SER A 553 -4.68 26.86 -1.28
CA SER A 553 -5.46 27.84 -0.55
C SER A 553 -5.06 27.84 0.91
N LEU A 554 -4.88 26.63 1.43
CA LEU A 554 -4.51 26.40 2.81
C LEU A 554 -3.05 26.75 3.04
N LEU A 555 -2.22 26.65 2.01
CA LEU A 555 -0.82 26.98 2.17
C LEU A 555 -0.63 28.48 2.31
N GLU A 556 -1.51 29.28 1.71
CA GLU A 556 -1.39 30.73 1.81
C GLU A 556 -2.08 31.20 3.08
N LYS A 557 -3.20 30.55 3.40
CA LYS A 557 -3.95 30.86 4.60
C LYS A 557 -3.13 30.38 5.78
N LEU A 558 -1.96 29.83 5.52
CA LEU A 558 -1.10 29.34 6.59
C LEU A 558 0.09 30.23 6.79
N GLY A 559 0.52 30.91 5.75
CA GLY A 559 1.65 31.81 5.90
C GLY A 559 2.82 31.59 4.98
N PHE A 560 2.60 30.88 3.90
CA PHE A 560 3.66 30.62 2.95
C PHE A 560 3.43 31.52 1.75
N LYS A 561 4.43 32.32 1.36
CA LYS A 561 4.23 33.23 0.21
C LYS A 561 5.18 33.01 -0.95
N LYS A 562 4.98 33.78 -2.02
CA LYS A 562 5.82 33.65 -3.20
C LYS A 562 7.25 33.39 -2.78
N GLY A 563 7.94 32.53 -3.52
CA GLY A 563 9.32 32.21 -3.21
C GLY A 563 9.49 30.92 -2.44
N SER A 564 8.38 30.39 -1.92
CA SER A 564 8.41 29.17 -1.13
C SER A 564 8.68 27.88 -1.87
N LYS A 565 9.46 27.02 -1.22
CA LYS A 565 9.83 25.73 -1.74
C LYS A 565 8.90 24.73 -1.07
N ILE A 566 8.16 23.98 -1.88
CA ILE A 566 7.23 23.01 -1.35
C ILE A 566 7.55 21.63 -1.88
N VAL A 567 7.71 20.68 -0.99
CA VAL A 567 7.96 19.34 -1.42
C VAL A 567 6.65 18.63 -1.14
N VAL A 568 6.11 17.97 -2.15
CA VAL A 568 4.85 17.26 -2.03
C VAL A 568 5.08 15.75 -2.04
N HIS A 569 4.29 15.04 -1.25
CA HIS A 569 4.38 13.60 -1.17
C HIS A 569 3.04 12.96 -1.53
N ARG A 570 2.94 12.48 -2.76
CA ARG A 570 1.72 11.84 -3.23
C ARG A 570 1.77 10.44 -2.67
N ASP A 571 0.74 10.06 -1.95
CA ASP A 571 0.69 8.72 -1.40
C ASP A 571 0.93 7.69 -2.51
N GLY A 572 -0.12 7.22 -3.14
CA GLY A 572 0.05 6.23 -4.21
C GLY A 572 0.84 6.73 -5.41
N ARG A 573 0.29 6.54 -6.60
CA ARG A 573 0.95 7.00 -7.83
C ARG A 573 0.31 8.32 -8.24
N LEU A 574 1.12 9.22 -8.76
CA LEU A 574 0.66 10.52 -9.21
C LEU A 574 0.03 10.37 -10.57
N TYR A 575 -1.12 11.02 -10.77
CA TYR A 575 -1.82 10.95 -12.03
C TYR A 575 -1.57 12.19 -12.88
N ARG A 576 -1.38 11.99 -14.18
CA ARG A 576 -1.10 13.07 -15.11
C ARG A 576 -1.89 14.32 -14.81
N ASP A 577 -3.17 14.17 -14.50
CA ASP A 577 -4.01 15.33 -14.21
C ASP A 577 -3.65 16.06 -12.93
N GLU A 578 -3.27 15.32 -11.88
CA GLU A 578 -2.89 15.92 -10.61
C GLU A 578 -1.61 16.72 -10.77
N VAL A 579 -0.66 16.14 -11.49
CA VAL A 579 0.61 16.77 -11.73
C VAL A 579 0.42 18.14 -12.36
N ALA A 580 -0.48 18.20 -13.34
CA ALA A 580 -0.76 19.45 -14.05
C ALA A 580 -1.43 20.45 -13.12
N ALA A 581 -2.32 19.97 -12.26
CA ALA A 581 -3.00 20.85 -11.34
C ALA A 581 -1.97 21.45 -10.41
N PHE A 582 -1.01 20.65 -9.97
CA PHE A 582 0.02 21.16 -9.06
C PHE A 582 0.82 22.22 -9.75
N LYS A 583 1.40 21.87 -10.90
CA LYS A 583 2.21 22.81 -11.67
C LYS A 583 1.38 24.03 -11.98
N LYS A 584 0.10 23.79 -12.27
CA LYS A 584 -0.85 24.82 -12.61
C LYS A 584 -0.92 25.86 -11.51
N TYR A 585 -1.52 25.49 -10.39
CA TYR A 585 -1.64 26.40 -9.27
C TYR A 585 -0.29 26.88 -8.76
N GLY A 586 0.68 26.00 -8.73
CA GLY A 586 2.00 26.39 -8.26
C GLY A 586 2.46 27.65 -8.95
N GLU A 587 2.00 27.82 -10.19
CA GLU A 587 2.33 28.97 -11.01
C GLU A 587 1.60 30.19 -10.48
N LEU A 588 0.34 29.99 -10.11
CA LEU A 588 -0.52 31.04 -9.60
C LEU A 588 -0.13 31.58 -8.24
N TYR A 589 0.32 30.71 -7.35
CA TYR A 589 0.73 31.18 -6.03
C TYR A 589 2.22 31.43 -6.06
N GLY A 590 2.85 31.15 -7.19
CA GLY A 590 4.29 31.35 -7.31
C GLY A 590 5.05 30.58 -6.24
N TYR A 591 4.94 29.26 -6.26
CA TYR A 591 5.64 28.44 -5.29
C TYR A 591 6.53 27.52 -6.08
N SER A 592 7.67 27.13 -5.52
CA SER A 592 8.55 26.20 -6.20
C SER A 592 8.10 24.83 -5.70
N LEU A 593 7.91 23.90 -6.62
CA LEU A 593 7.45 22.57 -6.28
C LEU A 593 8.32 21.41 -6.77
N GLU A 594 8.33 20.34 -5.98
CA GLU A 594 9.06 19.11 -6.30
C GLU A 594 7.99 18.04 -6.10
N LEU A 595 7.73 17.22 -7.10
CA LEU A 595 6.67 16.23 -6.96
C LEU A 595 7.23 14.84 -6.79
N LEU A 596 6.60 14.10 -5.88
CA LEU A 596 7.01 12.74 -5.57
C LEU A 596 5.88 11.78 -5.34
N GLU A 597 6.05 10.58 -5.87
CA GLU A 597 5.11 9.48 -5.69
C GLU A 597 5.88 8.57 -4.72
N ILE A 598 5.18 7.90 -3.83
CA ILE A 598 5.87 7.02 -2.91
C ILE A 598 5.17 5.67 -2.92
N ILE A 599 5.61 4.80 -3.83
CA ILE A 599 5.02 3.47 -3.96
C ILE A 599 5.42 2.54 -2.81
N LYS A 600 4.42 2.05 -2.09
CA LYS A 600 4.65 1.19 -0.95
C LYS A 600 4.23 -0.25 -1.19
N ARG A 601 3.80 -0.56 -2.40
CA ARG A 601 3.36 -1.92 -2.69
C ARG A 601 4.06 -2.56 -3.90
N ASN A 602 4.22 -3.87 -3.84
CA ASN A 602 4.83 -4.66 -4.90
C ASN A 602 6.18 -4.11 -5.38
N ASN A 603 7.11 -3.97 -4.45
CA ASN A 603 8.43 -3.45 -4.77
C ASN A 603 9.45 -4.56 -4.61
N PRO A 604 10.67 -4.35 -5.12
CA PRO A 604 11.67 -5.40 -4.97
C PRO A 604 11.92 -5.49 -3.48
N ARG A 605 12.50 -6.58 -3.03
CA ARG A 605 12.77 -6.75 -1.61
C ARG A 605 14.25 -6.94 -1.34
N PHE A 606 14.72 -6.36 -0.23
CA PHE A 606 16.10 -6.46 0.18
C PHE A 606 16.32 -7.78 0.93
N PHE A 607 17.49 -8.37 0.74
CA PHE A 607 17.83 -9.60 1.41
C PHE A 607 19.17 -9.34 2.04
N SER A 608 19.17 -9.08 3.35
CA SER A 608 20.42 -8.83 4.03
C SER A 608 20.49 -9.26 5.48
N ASN A 609 21.71 -9.24 6.01
CA ASN A 609 21.99 -9.60 7.39
C ASN A 609 22.48 -8.37 8.16
N GLU A 610 22.26 -7.18 7.60
CA GLU A 610 22.74 -5.96 8.23
C GLU A 610 21.97 -5.42 9.43
N LYS A 611 20.64 -5.54 9.41
CA LYS A 611 19.84 -5.03 10.53
C LYS A 611 19.72 -3.51 10.49
N PHE A 612 20.84 -2.83 10.33
CA PHE A 612 20.82 -1.38 10.27
C PHE A 612 20.92 -0.89 8.82
N ILE A 613 19.99 -1.35 7.99
CA ILE A 613 19.94 -1.01 6.58
C ILE A 613 19.12 0.23 6.27
N LYS A 614 18.57 0.86 7.28
CA LYS A 614 17.79 2.05 7.04
C LYS A 614 18.64 3.04 6.26
N GLY A 615 18.20 3.35 5.04
CA GLY A 615 18.95 4.27 4.21
C GLY A 615 19.64 3.52 3.09
N TYR A 616 19.50 2.19 3.09
CA TYR A 616 20.12 1.38 2.04
C TYR A 616 19.35 1.69 0.79
N PHE A 617 20.03 1.95 -0.32
CA PHE A 617 19.29 2.26 -1.51
C PHE A 617 19.75 1.66 -2.83
N TYR A 618 18.84 1.68 -3.79
CA TYR A 618 19.11 1.20 -5.12
C TYR A 618 18.47 2.22 -6.05
N LYS A 619 19.26 2.79 -6.94
CA LYS A 619 18.73 3.78 -7.88
C LYS A 619 18.15 3.16 -9.14
N LEU A 620 16.94 3.55 -9.50
CA LEU A 620 16.31 3.06 -10.71
C LEU A 620 16.47 4.13 -11.79
N SER A 621 15.91 3.89 -12.97
CA SER A 621 16.06 4.83 -14.07
C SER A 621 15.44 6.21 -13.87
N GLU A 622 14.23 6.42 -14.40
CA GLU A 622 13.55 7.72 -14.35
C GLU A 622 13.50 8.35 -12.96
N ASP A 623 14.65 8.80 -12.46
CA ASP A 623 14.76 9.39 -11.14
C ASP A 623 14.04 8.63 -10.03
N SER A 624 13.96 7.32 -10.14
CA SER A 624 13.30 6.56 -9.08
C SER A 624 14.37 5.88 -8.26
N VAL A 625 14.03 5.55 -7.02
CA VAL A 625 14.95 4.95 -6.07
C VAL A 625 14.22 3.93 -5.24
N ILE A 626 14.91 2.89 -4.82
CA ILE A 626 14.30 1.91 -3.94
C ILE A 626 14.94 2.23 -2.59
N LEU A 627 14.13 2.72 -1.65
CA LEU A 627 14.63 3.13 -0.36
C LEU A 627 14.19 2.30 0.85
N ALA A 628 15.16 1.92 1.68
CA ALA A 628 14.86 1.19 2.91
C ALA A 628 14.73 2.30 3.94
N THR A 629 13.54 2.46 4.49
CA THR A 629 13.30 3.53 5.45
C THR A 629 13.21 3.03 6.86
N TYR A 630 13.44 1.74 7.06
CA TYR A 630 13.38 1.28 8.43
C TYR A 630 14.39 0.20 8.73
N ASN A 631 14.88 0.17 9.97
CA ASN A 631 15.84 -0.83 10.40
C ASN A 631 15.02 -2.07 10.56
N GLN A 632 15.49 -3.20 10.03
CA GLN A 632 14.73 -4.43 10.16
C GLN A 632 15.03 -5.03 11.51
N VAL A 633 14.15 -4.77 12.46
CA VAL A 633 14.28 -5.27 13.81
C VAL A 633 13.13 -6.24 13.93
N TYR A 634 12.82 -6.86 12.79
CA TYR A 634 11.74 -7.83 12.69
C TYR A 634 12.18 -8.91 11.71
N GLU A 635 12.20 -10.15 12.20
CA GLU A 635 12.60 -11.33 11.41
C GLU A 635 13.65 -11.18 10.29
N GLY A 636 13.27 -11.42 9.03
CA GLY A 636 14.23 -11.36 7.94
C GLY A 636 14.00 -10.51 6.70
N THR A 637 12.99 -10.85 5.89
CA THR A 637 12.74 -10.09 4.66
C THR A 637 12.28 -8.64 4.87
N HIS A 638 13.08 -7.71 4.34
CA HIS A 638 12.80 -6.27 4.46
C HIS A 638 12.11 -5.71 3.24
N GLN A 639 10.97 -5.05 3.45
CA GLN A 639 10.19 -4.45 2.38
C GLN A 639 10.41 -2.93 2.25
N PRO A 640 11.27 -2.51 1.31
CA PRO A 640 11.56 -1.09 1.09
C PRO A 640 10.38 -0.42 0.42
N ILE A 641 10.63 0.74 -0.14
CA ILE A 641 9.59 1.45 -0.82
C ILE A 641 10.23 2.08 -2.06
N LYS A 642 9.40 2.62 -2.95
CA LYS A 642 9.90 3.23 -4.16
C LYS A 642 9.61 4.73 -4.12
N VAL A 643 10.60 5.52 -4.48
CA VAL A 643 10.49 6.97 -4.52
C VAL A 643 10.83 7.45 -5.90
N ARG A 644 9.90 8.14 -6.54
CA ARG A 644 10.11 8.65 -7.87
C ARG A 644 9.88 10.15 -7.91
N LYS A 645 10.85 10.89 -8.44
CA LYS A 645 10.71 12.34 -8.52
C LYS A 645 10.03 12.68 -9.83
N VAL A 646 8.74 12.99 -9.74
CA VAL A 646 7.94 13.31 -10.90
C VAL A 646 8.29 14.67 -11.52
N TYR A 647 8.59 15.64 -10.65
CA TYR A 647 8.94 17.00 -11.05
C TYR A 647 9.75 17.69 -9.94
N GLY A 648 10.59 18.65 -10.31
CA GLY A 648 11.38 19.35 -9.31
C GLY A 648 12.84 19.59 -9.68
N GLU A 649 13.50 20.49 -8.96
CA GLU A 649 14.91 20.79 -9.22
C GLU A 649 15.89 20.37 -8.13
N LEU A 650 15.52 19.37 -7.34
CA LEU A 650 16.38 18.87 -6.26
C LEU A 650 16.78 17.42 -6.56
N PRO A 651 18.02 17.05 -6.24
CA PRO A 651 18.50 15.68 -6.48
C PRO A 651 17.61 14.71 -5.71
N VAL A 652 17.45 13.49 -6.19
CA VAL A 652 16.61 12.57 -5.47
C VAL A 652 17.26 12.21 -4.15
N GLU A 653 18.58 12.32 -4.08
CA GLU A 653 19.32 12.00 -2.85
C GLU A 653 18.81 12.83 -1.70
N VAL A 654 18.55 14.10 -1.98
CA VAL A 654 18.02 15.00 -0.97
C VAL A 654 16.61 14.56 -0.63
N LEU A 655 15.72 14.57 -1.63
CA LEU A 655 14.34 14.16 -1.44
C LEU A 655 14.26 12.86 -0.66
N CYS A 656 15.14 11.90 -0.95
CA CYS A 656 15.14 10.63 -0.23
C CYS A 656 15.51 10.83 1.21
N SER A 657 16.55 11.63 1.41
CA SER A 657 17.07 11.94 2.73
C SER A 657 16.03 12.68 3.54
N GLN A 658 15.27 13.54 2.89
CA GLN A 658 14.27 14.29 3.60
C GLN A 658 13.23 13.28 4.10
N ILE A 659 12.95 12.28 3.27
CA ILE A 659 11.97 11.24 3.62
C ILE A 659 12.43 10.45 4.81
N LEU A 660 13.73 10.16 4.86
CA LEU A 660 14.28 9.41 5.96
C LEU A 660 14.13 10.23 7.22
N SER A 661 14.53 11.50 7.17
CA SER A 661 14.42 12.37 8.35
C SER A 661 12.99 12.43 8.89
N LEU A 662 12.05 12.58 7.96
CA LEU A 662 10.64 12.66 8.29
C LEU A 662 10.08 11.33 8.78
N THR A 663 10.93 10.31 8.86
CA THR A 663 10.47 9.04 9.37
C THR A 663 10.35 9.27 10.85
N LEU A 664 11.27 10.08 11.35
CA LEU A 664 11.32 10.40 12.76
C LEU A 664 10.10 11.07 13.34
N MET A 665 9.33 11.75 12.50
CA MET A 665 8.15 12.47 12.96
C MET A 665 6.90 11.65 13.22
N ASN A 666 7.03 10.33 13.20
CA ASN A 666 5.87 9.49 13.50
C ASN A 666 6.00 9.23 14.98
N TYR A 667 6.94 9.93 15.62
CA TYR A 667 7.20 9.81 17.05
C TYR A 667 6.94 8.40 17.57
N SER A 668 7.78 7.47 17.12
CA SER A 668 7.71 6.07 17.53
C SER A 668 9.13 5.57 17.35
N SER A 669 9.97 5.87 18.32
CA SER A 669 11.38 5.50 18.29
C SER A 669 11.76 4.23 19.04
N PHE A 670 10.87 3.26 19.02
CA PHE A 670 11.14 2.00 19.66
C PHE A 670 10.53 0.93 18.79
N GLN A 671 9.55 1.33 17.99
CA GLN A 671 8.90 0.42 17.05
C GLN A 671 9.17 1.05 15.69
N PRO A 672 9.90 0.34 14.83
CA PRO A 672 10.19 0.90 13.51
C PRO A 672 8.97 1.20 12.64
N ILE A 673 8.99 2.36 12.00
CA ILE A 673 7.93 2.81 11.11
C ILE A 673 8.53 2.91 9.72
N LYS A 674 7.78 2.44 8.72
CA LYS A 674 8.24 2.44 7.32
C LYS A 674 8.06 3.76 6.56
N LEU A 675 6.87 4.31 6.63
CA LEU A 675 6.54 5.54 5.90
C LEU A 675 6.80 6.85 6.59
N PRO A 676 7.02 7.90 5.81
CA PRO A 676 7.29 9.25 6.32
C PRO A 676 6.04 9.84 6.93
N ALA A 677 6.21 10.69 7.92
CA ALA A 677 5.09 11.33 8.61
C ALA A 677 4.10 11.91 7.61
N THR A 678 4.59 12.25 6.43
CA THR A 678 3.76 12.85 5.39
C THR A 678 2.72 11.93 4.74
N VAL A 679 2.98 10.63 4.70
CA VAL A 679 2.02 9.72 4.08
C VAL A 679 1.68 8.53 4.96
N HIS A 680 2.14 8.56 6.19
CA HIS A 680 1.88 7.50 7.14
C HIS A 680 0.39 7.55 7.45
N TYR A 681 -0.28 6.40 7.43
CA TYR A 681 -1.71 6.33 7.69
C TYR A 681 -2.58 7.23 6.83
N SER A 682 -2.28 7.32 5.54
CA SER A 682 -3.09 8.13 4.63
C SER A 682 -4.13 7.24 3.97
N ASP A 683 -3.65 6.28 3.17
CA ASP A 683 -4.54 5.35 2.48
C ASP A 683 -5.53 4.84 3.53
N LYS A 684 -5.06 4.57 4.73
CA LYS A 684 -5.94 4.06 5.76
C LYS A 684 -7.06 4.99 6.12
N ILE A 685 -6.75 6.23 6.45
CA ILE A 685 -7.77 7.20 6.80
C ILE A 685 -8.64 7.47 5.58
N THR A 686 -7.99 7.85 4.50
CA THR A 686 -8.65 8.15 3.25
C THR A 686 -9.54 6.99 2.80
N LYS A 687 -8.99 5.79 2.81
CA LYS A 687 -9.74 4.62 2.39
C LYS A 687 -10.86 4.39 3.43
N LEU A 688 -10.61 4.84 4.66
CA LEU A 688 -11.56 4.65 5.75
C LEU A 688 -12.70 5.64 5.84
N MET A 689 -12.47 6.89 5.47
CA MET A 689 -13.54 7.89 5.53
C MET A 689 -14.50 7.84 4.35
N LEU A 690 -14.46 6.74 3.61
CA LEU A 690 -15.35 6.54 2.47
C LEU A 690 -16.56 5.69 2.87
N ARG A 691 -17.42 6.22 3.73
CA ARG A 691 -18.57 5.45 4.15
C ARG A 691 -19.83 6.28 4.36
N GLY A 692 -20.89 5.89 3.64
CA GLY A 692 -22.17 6.56 3.73
C GLY A 692 -22.16 7.96 3.11
N ILE A 693 -23.15 8.75 3.50
CA ILE A 693 -23.25 10.12 3.01
C ILE A 693 -22.45 11.01 3.98
N GLU A 694 -21.55 10.37 4.73
CA GLU A 694 -20.71 11.06 5.72
C GLU A 694 -20.04 12.29 5.10
N PRO A 695 -20.51 13.48 5.49
CA PRO A 695 -19.97 14.75 4.98
C PRO A 695 -18.90 15.32 5.92
N ILE A 696 -17.63 15.11 5.58
CA ILE A 696 -16.55 15.61 6.42
C ILE A 696 -15.88 16.86 5.85
N LYS A 697 -15.61 17.80 6.74
CA LYS A 697 -14.96 19.05 6.39
C LYS A 697 -14.21 19.44 7.65
N LYS A 698 -13.12 18.72 7.88
CA LYS A 698 -12.32 18.96 9.06
C LYS A 698 -10.85 19.22 8.77
N GLU A 699 -10.31 20.14 9.56
CA GLU A 699 -8.91 20.47 9.51
C GLU A 699 -8.54 20.60 10.98
N GLY A 700 -7.30 20.29 11.30
CA GLY A 700 -6.84 20.37 12.67
C GLY A 700 -5.33 20.48 12.67
N ASP A 701 -4.73 20.47 13.86
CA ASP A 701 -3.28 20.55 14.00
C ASP A 701 -2.85 19.58 15.08
N ILE A 702 -3.39 18.36 15.00
CA ILE A 702 -3.13 17.29 15.94
C ILE A 702 -3.02 16.02 15.12
N MET A 703 -1.95 15.26 15.35
CA MET A 703 -1.70 14.00 14.65
C MET A 703 -2.49 12.88 15.32
N TYR A 704 -3.79 13.04 15.38
CA TYR A 704 -4.63 12.04 16.00
C TYR A 704 -4.45 10.62 15.43
N TRP A 705 -4.13 10.50 14.15
CA TRP A 705 -3.98 9.18 13.53
C TRP A 705 -2.94 8.27 14.15
N LEU A 706 -1.80 8.83 14.54
CA LEU A 706 -0.78 8.03 15.17
C LEU A 706 -1.49 7.00 16.00
#